data_9FNG
#
_entry.id   9FNG
#
_cell.length_a   135.018
_cell.length_b   84.413
_cell.length_c   102.224
_cell.angle_alpha   90.000
_cell.angle_beta   130.560
_cell.angle_gamma   90.000
#
_symmetry.space_group_name_H-M   'C 1 2 1'
#
loop_
_entity.id
_entity.type
_entity.pdbx_description
1 polymer 'Glycoside hydrolase family 71'
2 non-polymer alpha-D-glucopyranose
3 non-polymer beta-D-glucopyranose
4 water water
#
_entity_poly.entity_id   1
_entity_poly.type   'polypeptide(L)'
_entity_poly.pdbx_seq_one_letter_code
;MGSSHHHHHHSSENLYFQGHSLPGANSLTIRKDSNKYVTAHFMVGIVENYTVDDWKHDMELAKETGIDAFALNCASIDSY
TDKQLAYAYEAAEEVDFKVFISFDFAYWSNGDTARITSIMQTYADHPGQFQYNGAALVSTFVGDSFDWGPVKRAVDHPIF
AVPNLQDPNWAGHATTSIDGAFSWYAWPTDGGNSIIKGPMTTIWDDRFRNNLKDKVYMAPVSPWFSTHFNTKNWVFICED
LPHLRWQQMLEMQPELIEIISWNDYGESHYIGPYSEAHSDDGSAQWTKDFPHDAWRIIAKPYIAAYKAGEREPTVESDQL
VYWYRPTPKAVTCSKDPLGPPNGINLLEDSVFVTTLLTEPATLTVGSGSLEFSVDVDAGIVTNSFPMGVGSQAFSVTRDG
EEILGGDGGLDVQDRCDYYNFNVYVGSFSA
;
_entity_poly.pdbx_strand_id   A,B
#
loop_
_chem_comp.id
_chem_comp.type
_chem_comp.name
_chem_comp.formula
BGC D-saccharide, beta linking beta-D-glucopyranose 'C6 H12 O6'
GLC D-saccharide, alpha linking alpha-D-glucopyranose 'C6 H12 O6'
#
# COMPACT_ATOMS: atom_id res chain seq x y z
N SER A 34 -12.91 26.66 3.99
CA SER A 34 -13.85 26.57 2.87
C SER A 34 -13.22 27.04 1.57
N ASN A 35 -12.12 27.80 1.67
CA ASN A 35 -11.37 28.17 0.46
C ASN A 35 -10.61 26.97 -0.06
N LYS A 36 -10.53 26.86 -1.38
CA LYS A 36 -9.86 25.77 -2.06
C LYS A 36 -8.53 26.25 -2.62
N TYR A 37 -7.54 25.35 -2.64
CA TYR A 37 -6.18 25.71 -3.03
C TYR A 37 -5.56 24.58 -3.84
N VAL A 38 -4.62 24.96 -4.71
CA VAL A 38 -3.91 24.02 -5.59
C VAL A 38 -2.42 24.14 -5.28
N THR A 39 -1.78 23.01 -5.04
CA THR A 39 -0.36 22.93 -4.75
C THR A 39 0.32 22.08 -5.82
N ALA A 40 1.65 22.09 -5.84
CA ALA A 40 2.40 21.28 -6.80
C ALA A 40 3.62 20.66 -6.13
N HIS A 41 3.84 19.38 -6.44
CA HIS A 41 4.91 18.58 -5.82
C HIS A 41 6.26 18.99 -6.43
N PHE A 42 7.19 19.45 -5.58
CA PHE A 42 8.50 19.92 -6.04
C PHE A 42 9.59 19.04 -5.43
N MET A 43 10.51 18.56 -6.28
CA MET A 43 11.54 17.60 -5.87
C MET A 43 12.75 18.39 -5.36
N VAL A 44 12.86 18.57 -4.04
CA VAL A 44 14.04 19.24 -3.49
C VAL A 44 15.29 18.39 -3.72
N GLY A 45 15.12 17.07 -3.84
CA GLY A 45 16.27 16.19 -3.97
C GLY A 45 17.11 16.42 -5.20
N ILE A 46 16.57 17.07 -6.23
CA ILE A 46 17.31 17.31 -7.47
C ILE A 46 17.79 18.74 -7.61
N VAL A 47 17.71 19.56 -6.55
CA VAL A 47 18.07 20.97 -6.69
C VAL A 47 19.18 21.39 -5.72
N GLU A 48 20.17 20.51 -5.49
CA GLU A 48 21.29 20.86 -4.63
C GLU A 48 21.92 22.20 -5.00
N ASN A 49 22.00 22.50 -6.29
CA ASN A 49 22.69 23.70 -6.77
C ASN A 49 21.77 24.88 -7.06
N TYR A 50 20.50 24.81 -6.66
CA TYR A 50 19.61 25.95 -6.88
C TYR A 50 20.07 27.15 -6.07
N THR A 51 19.84 28.32 -6.64
CA THR A 51 19.91 29.58 -5.91
C THR A 51 18.51 30.08 -5.61
N VAL A 52 18.44 31.13 -4.78
CA VAL A 52 17.16 31.78 -4.52
C VAL A 52 16.51 32.23 -5.83
N ASP A 53 17.31 32.69 -6.79
CA ASP A 53 16.75 33.14 -8.06
C ASP A 53 16.13 31.98 -8.86
N ASP A 54 16.76 30.79 -8.81
CA ASP A 54 16.16 29.63 -9.47
C ASP A 54 14.79 29.33 -8.87
N TRP A 55 14.68 29.33 -7.53
CA TRP A 55 13.39 29.12 -6.89
C TRP A 55 12.37 30.16 -7.33
N LYS A 56 12.79 31.43 -7.40
CA LYS A 56 11.84 32.48 -7.78
C LYS A 56 11.29 32.25 -9.17
N HIS A 57 12.14 31.80 -10.10
CA HIS A 57 11.67 31.55 -11.45
C HIS A 57 10.57 30.49 -11.48
N ASP A 58 10.80 29.37 -10.79
CA ASP A 58 9.77 28.35 -10.72
C ASP A 58 8.50 28.90 -10.10
N MET A 59 8.64 29.70 -9.05
CA MET A 59 7.47 30.20 -8.35
C MET A 59 6.68 31.20 -9.19
N GLU A 60 7.37 32.03 -9.97
CA GLU A 60 6.66 32.94 -10.87
C GLU A 60 5.83 32.19 -11.89
N LEU A 61 6.39 31.13 -12.48
CA LEU A 61 5.63 30.33 -13.43
C LEU A 61 4.45 29.64 -12.76
N ALA A 62 4.65 29.15 -11.54
CA ALA A 62 3.55 28.53 -10.80
C ALA A 62 2.45 29.55 -10.51
N LYS A 63 2.82 30.75 -10.07
CA LYS A 63 1.82 31.79 -9.82
C LYS A 63 1.01 32.12 -11.06
N GLU A 64 1.68 32.23 -12.22
CA GLU A 64 0.97 32.54 -13.46
C GLU A 64 -0.04 31.47 -13.83
N THR A 65 0.19 30.23 -13.38
CA THR A 65 -0.76 29.14 -13.61
C THR A 65 -1.91 29.18 -12.61
N GLY A 66 -1.76 29.92 -11.51
CA GLY A 66 -2.76 29.90 -10.46
C GLY A 66 -2.48 28.95 -9.32
N ILE A 67 -1.32 28.29 -9.34
CA ILE A 67 -0.92 27.41 -8.25
C ILE A 67 -0.62 28.27 -7.02
N ASP A 68 -1.03 27.79 -5.84
CA ASP A 68 -0.89 28.52 -4.59
C ASP A 68 0.40 28.20 -3.83
N ALA A 69 0.95 27.00 -3.96
CA ALA A 69 2.08 26.61 -3.14
C ALA A 69 2.82 25.44 -3.76
N PHE A 70 4.10 25.31 -3.40
CA PHE A 70 4.87 24.10 -3.69
C PHE A 70 4.93 23.23 -2.43
N ALA A 71 4.69 21.94 -2.61
CA ALA A 71 5.05 20.92 -1.61
C ALA A 71 6.53 20.62 -1.80
N LEU A 72 7.36 20.98 -0.81
CA LEU A 72 8.81 20.80 -0.92
C LEU A 72 9.16 19.40 -0.45
N ASN A 73 9.24 18.49 -1.43
CA ASN A 73 9.51 17.09 -1.14
C ASN A 73 11.01 16.91 -0.90
N CYS A 74 11.38 16.49 0.31
CA CYS A 74 12.79 16.49 0.69
C CYS A 74 13.12 15.25 1.51
N ALA A 75 14.42 14.98 1.60
CA ALA A 75 14.95 13.78 2.22
C ALA A 75 15.91 14.12 3.36
N SER A 76 15.90 13.28 4.40
CA SER A 76 16.81 13.44 5.52
C SER A 76 18.26 13.25 5.10
N ILE A 77 18.51 12.45 4.05
CA ILE A 77 19.87 12.07 3.66
C ILE A 77 20.59 13.09 2.80
N ASP A 78 19.89 14.10 2.28
CA ASP A 78 20.52 15.09 1.43
C ASP A 78 21.15 16.18 2.28
N SER A 79 22.47 16.39 2.12
CA SER A 79 23.17 17.38 2.93
C SER A 79 22.66 18.79 2.66
N TYR A 80 21.99 19.00 1.52
CA TYR A 80 21.53 20.29 1.07
C TYR A 80 20.06 20.55 1.40
N THR A 81 19.39 19.66 2.14
CA THR A 81 17.98 19.87 2.45
C THR A 81 17.76 21.16 3.21
N ASP A 82 18.50 21.39 4.31
CA ASP A 82 18.26 22.59 5.10
C ASP A 82 18.51 23.85 4.29
N LYS A 83 19.59 23.86 3.50
CA LYS A 83 19.92 25.03 2.68
C LYS A 83 18.79 25.33 1.70
N GLN A 84 18.30 24.30 1.02
CA GLN A 84 17.32 24.53 -0.03
C GLN A 84 15.94 24.84 0.53
N LEU A 85 15.57 24.27 1.68
CA LEU A 85 14.36 24.71 2.36
C LEU A 85 14.45 26.19 2.71
N ALA A 86 15.60 26.64 3.22
CA ALA A 86 15.74 28.04 3.57
C ALA A 86 15.62 28.93 2.34
N TYR A 87 16.24 28.53 1.23
CA TYR A 87 16.11 29.29 -0.01
C TYR A 87 14.66 29.34 -0.48
N ALA A 88 13.94 28.22 -0.40
CA ALA A 88 12.57 28.18 -0.91
C ALA A 88 11.64 29.07 -0.08
N TYR A 89 11.76 29.01 1.25
CA TYR A 89 10.92 29.86 2.09
C TYR A 89 11.23 31.33 1.87
N GLU A 90 12.51 31.67 1.70
CA GLU A 90 12.87 33.06 1.42
C GLU A 90 12.30 33.50 0.08
N ALA A 91 12.46 32.67 -0.96
CA ALA A 91 11.93 33.00 -2.27
C ALA A 91 10.42 33.21 -2.21
N ALA A 92 9.71 32.31 -1.53
CA ALA A 92 8.26 32.42 -1.45
C ALA A 92 7.84 33.72 -0.78
N GLU A 93 8.50 34.08 0.32
CA GLU A 93 8.19 35.36 0.95
C GLU A 93 8.48 36.53 0.03
N GLU A 94 9.54 36.45 -0.77
CA GLU A 94 9.92 37.57 -1.61
C GLU A 94 9.03 37.73 -2.85
N VAL A 95 8.35 36.68 -3.29
CA VAL A 95 7.53 36.81 -4.53
C VAL A 95 6.04 36.53 -4.27
N ASP A 96 5.60 36.59 -3.03
CA ASP A 96 4.17 36.41 -2.68
C ASP A 96 3.69 35.03 -3.13
N PHE A 97 4.52 34.02 -2.85
CA PHE A 97 4.14 32.61 -3.09
C PHE A 97 4.15 31.91 -1.71
N LYS A 98 3.76 30.64 -1.68
CA LYS A 98 3.74 29.90 -0.42
C LYS A 98 4.34 28.53 -0.61
N VAL A 99 4.88 27.96 0.46
CA VAL A 99 5.49 26.63 0.44
C VAL A 99 5.15 25.86 1.70
N PHE A 100 5.21 24.55 1.60
CA PHE A 100 5.06 23.68 2.78
C PHE A 100 5.92 22.46 2.51
N ILE A 101 6.23 21.71 3.56
CA ILE A 101 7.18 20.62 3.44
C ILE A 101 6.45 19.30 3.20
N SER A 102 6.93 18.54 2.25
CA SER A 102 6.57 17.13 2.09
C SER A 102 7.75 16.29 2.55
N PHE A 103 7.63 15.69 3.72
CA PHE A 103 8.70 14.81 4.20
C PHE A 103 8.64 13.50 3.43
N ASP A 104 9.68 13.21 2.65
CA ASP A 104 9.72 12.00 1.80
C ASP A 104 10.19 10.84 2.68
N PHE A 105 9.24 10.01 3.12
CA PHE A 105 9.56 8.91 4.04
C PHE A 105 10.09 7.67 3.34
N ALA A 106 10.40 7.77 2.05
CA ALA A 106 11.35 6.81 1.50
C ALA A 106 12.75 7.04 2.08
N TYR A 107 12.99 8.21 2.68
CA TYR A 107 14.30 8.58 3.23
C TYR A 107 14.21 8.97 4.70
N TRP A 108 13.29 9.86 5.05
CA TRP A 108 13.01 10.12 6.44
C TRP A 108 12.47 8.86 7.10
N SER A 109 12.64 8.80 8.42
N SER A 109 12.63 8.79 8.42
CA SER A 109 12.33 7.61 9.21
CA SER A 109 12.23 7.60 9.16
C SER A 109 11.58 8.03 10.46
C SER A 109 11.56 8.03 10.45
N ASN A 110 10.91 7.06 11.10
CA ASN A 110 10.20 7.35 12.33
C ASN A 110 11.14 7.80 13.44
N GLY A 111 12.41 7.42 13.37
CA GLY A 111 13.38 7.88 14.34
C GLY A 111 13.82 9.32 14.16
N ASP A 112 13.25 10.05 13.20
CA ASP A 112 13.64 11.43 12.95
C ASP A 112 12.70 12.46 13.57
N THR A 113 11.86 12.05 14.53
CA THR A 113 10.89 12.96 15.12
C THR A 113 11.52 14.26 15.60
N ALA A 114 12.69 14.17 16.25
CA ALA A 114 13.30 15.37 16.81
C ALA A 114 13.66 16.37 15.71
N ARG A 115 14.26 15.88 14.63
CA ARG A 115 14.64 16.77 13.53
C ARG A 115 13.40 17.32 12.83
N ILE A 116 12.40 16.48 12.58
CA ILE A 116 11.17 16.96 11.96
C ILE A 116 10.53 18.04 12.82
N THR A 117 10.52 17.84 14.14
CA THR A 117 9.97 18.86 15.04
C THR A 117 10.74 20.17 14.93
N SER A 118 12.08 20.09 14.93
CA SER A 118 12.88 21.32 14.85
C SER A 118 12.66 22.04 13.54
N ILE A 119 12.44 21.31 12.44
CA ILE A 119 12.16 21.96 11.16
C ILE A 119 10.80 22.66 11.21
N MET A 120 9.78 21.98 11.76
CA MET A 120 8.50 22.65 11.96
C MET A 120 8.54 23.82 12.92
N GLN A 121 9.40 23.76 13.96
N GLN A 121 9.41 23.76 13.94
CA GLN A 121 9.59 24.95 14.79
CA GLN A 121 9.57 24.94 14.79
C GLN A 121 10.11 26.11 13.96
C GLN A 121 10.16 26.11 14.01
N THR A 122 11.01 25.83 13.02
CA THR A 122 11.57 26.89 12.19
C THR A 122 10.52 27.50 11.25
N TYR A 123 9.64 26.66 10.66
CA TYR A 123 8.87 27.09 9.49
C TYR A 123 7.36 27.19 9.66
N ALA A 124 6.76 26.57 10.68
CA ALA A 124 5.30 26.57 10.78
C ALA A 124 4.73 27.99 10.81
N ASP A 125 5.44 28.94 11.45
CA ASP A 125 4.98 30.31 11.56
C ASP A 125 5.67 31.27 10.60
N HIS A 126 6.38 30.76 9.61
CA HIS A 126 7.06 31.61 8.64
C HIS A 126 6.01 32.25 7.72
N PRO A 127 6.16 33.53 7.36
CA PRO A 127 5.15 34.16 6.49
C PRO A 127 5.00 33.50 5.13
N GLY A 128 6.02 32.79 4.66
CA GLY A 128 5.95 32.06 3.41
C GLY A 128 5.40 30.67 3.50
N GLN A 129 5.09 30.21 4.72
CA GLN A 129 4.52 28.88 4.93
C GLN A 129 3.05 28.88 4.57
N PHE A 130 2.66 27.93 3.72
CA PHE A 130 1.27 27.80 3.32
C PHE A 130 0.40 27.43 4.53
N GLN A 131 -0.67 28.19 4.73
CA GLN A 131 -1.57 28.01 5.86
C GLN A 131 -2.92 27.54 5.35
N TYR A 132 -3.53 26.59 6.06
CA TYR A 132 -4.87 26.13 5.77
C TYR A 132 -5.67 26.20 7.06
N ASN A 133 -6.75 26.98 7.05
CA ASN A 133 -7.59 27.14 8.24
C ASN A 133 -6.77 27.61 9.45
N GLY A 134 -5.79 28.48 9.20
CA GLY A 134 -4.98 29.02 10.27
C GLY A 134 -3.86 28.15 10.75
N ALA A 135 -3.58 27.04 10.08
CA ALA A 135 -2.54 26.12 10.52
C ALA A 135 -1.57 25.83 9.37
N ALA A 136 -0.33 25.54 9.72
CA ALA A 136 0.70 25.27 8.71
C ALA A 136 0.49 23.88 8.12
N LEU A 137 0.27 23.83 6.81
CA LEU A 137 0.12 22.53 6.15
C LEU A 137 1.44 21.78 6.16
N VAL A 138 1.38 20.48 6.43
CA VAL A 138 2.54 19.61 6.30
C VAL A 138 2.07 18.31 5.68
N SER A 139 2.93 17.70 4.87
CA SER A 139 2.54 16.50 4.14
C SER A 139 3.74 15.55 4.07
N THR A 140 3.55 14.44 3.36
CA THR A 140 4.60 13.42 3.20
C THR A 140 4.46 12.78 1.83
N PHE A 141 5.52 12.07 1.44
CA PHE A 141 5.42 10.95 0.52
C PHE A 141 5.63 9.69 1.38
N VAL A 142 4.74 8.71 1.23
CA VAL A 142 4.63 7.57 2.15
C VAL A 142 4.66 8.04 3.60
N GLY A 143 5.18 7.24 4.52
CA GLY A 143 5.20 7.68 5.91
C GLY A 143 3.89 7.57 6.65
N ASP A 144 3.02 6.63 6.23
CA ASP A 144 1.74 6.42 6.92
C ASP A 144 1.90 6.22 8.41
N SER A 145 2.98 5.57 8.84
CA SER A 145 3.15 5.21 10.24
C SER A 145 3.76 6.34 11.08
N PHE A 146 4.09 7.48 10.48
CA PHE A 146 4.70 8.57 11.25
C PHE A 146 3.64 9.30 12.08
N ASP A 147 3.86 9.37 13.38
CA ASP A 147 2.92 9.97 14.31
C ASP A 147 3.17 11.46 14.41
N TRP A 148 2.19 12.27 13.98
CA TRP A 148 2.29 13.73 14.05
C TRP A 148 1.99 14.31 15.43
N GLY A 149 1.43 13.52 16.35
CA GLY A 149 1.11 14.00 17.67
C GLY A 149 2.27 14.69 18.38
N PRO A 150 3.40 14.02 18.51
CA PRO A 150 4.53 14.63 19.23
C PRO A 150 5.07 15.87 18.55
N VAL A 151 4.96 15.96 17.22
CA VAL A 151 5.38 17.16 16.50
C VAL A 151 4.42 18.30 16.80
N LYS A 152 3.12 18.06 16.59
CA LYS A 152 2.12 19.10 16.81
C LYS A 152 2.19 19.64 18.23
N ARG A 153 2.35 18.75 19.21
CA ARG A 153 2.26 19.18 20.59
C ARG A 153 3.54 19.87 21.08
N ALA A 154 4.59 19.89 20.27
CA ALA A 154 5.81 20.60 20.58
C ALA A 154 5.96 21.93 19.84
N VAL A 155 5.08 22.23 18.88
CA VAL A 155 5.17 23.44 18.07
C VAL A 155 3.99 24.34 18.44
N ASP A 156 4.28 25.57 18.84
CA ASP A 156 3.20 26.47 19.28
C ASP A 156 2.24 26.78 18.14
N HIS A 157 2.76 27.09 16.97
CA HIS A 157 1.90 27.42 15.85
C HIS A 157 1.13 26.19 15.38
N PRO A 158 -0.17 26.32 15.12
CA PRO A 158 -0.96 25.15 14.68
C PRO A 158 -0.39 24.55 13.40
N ILE A 159 -0.50 23.22 13.31
CA ILE A 159 -0.06 22.45 12.15
C ILE A 159 -1.22 21.62 11.65
N PHE A 160 -1.36 21.52 10.33
CA PHE A 160 -2.44 20.80 9.66
C PHE A 160 -1.78 19.68 8.87
N ALA A 161 -1.86 18.45 9.40
CA ALA A 161 -1.12 17.32 8.86
C ALA A 161 -1.97 16.55 7.86
N VAL A 162 -1.53 16.51 6.60
CA VAL A 162 -2.21 15.80 5.52
C VAL A 162 -1.18 14.89 4.85
N PRO A 163 -0.77 13.80 5.50
CA PRO A 163 0.21 12.89 4.90
C PRO A 163 -0.35 12.11 3.72
N ASN A 164 0.57 11.63 2.90
CA ASN A 164 0.25 10.62 1.89
C ASN A 164 -0.07 9.30 2.59
N LEU A 165 -1.30 8.81 2.40
CA LEU A 165 -1.73 7.54 2.96
C LEU A 165 -2.04 6.58 1.82
N GLN A 166 -1.76 5.29 2.06
CA GLN A 166 -1.92 4.28 1.03
C GLN A 166 -3.29 3.61 1.07
N ASP A 167 -3.91 3.48 2.24
CA ASP A 167 -5.13 2.69 2.37
C ASP A 167 -6.29 3.59 2.77
N PRO A 168 -7.29 3.78 1.90
CA PRO A 168 -8.47 4.58 2.29
C PRO A 168 -9.12 4.12 3.59
N ASN A 169 -9.15 2.81 3.86
CA ASN A 169 -9.81 2.34 5.07
C ASN A 169 -9.03 2.72 6.33
N TRP A 170 -7.69 2.59 6.30
CA TRP A 170 -6.90 2.98 7.46
C TRP A 170 -6.94 4.47 7.69
N ALA A 171 -6.97 5.24 6.60
CA ALA A 171 -7.22 6.68 6.69
C ALA A 171 -8.46 6.97 7.52
N GLY A 172 -9.42 6.04 7.55
CA GLY A 172 -10.63 6.24 8.32
C GLY A 172 -10.43 6.14 9.82
N HIS A 173 -9.42 5.38 10.26
CA HIS A 173 -9.16 5.18 11.68
C HIS A 173 -7.68 5.41 12.00
N ALA A 174 -7.11 6.48 11.43
CA ALA A 174 -5.68 6.75 11.57
C ALA A 174 -5.32 7.08 13.01
N THR A 175 -4.18 6.56 13.46
CA THR A 175 -3.73 6.71 14.83
C THR A 175 -2.65 7.79 15.00
N THR A 176 -2.37 8.55 13.94
CA THR A 176 -1.18 9.38 13.85
C THR A 176 -1.49 10.88 13.96
N SER A 177 -2.68 11.24 14.41
CA SER A 177 -3.08 12.63 14.66
C SER A 177 -3.09 13.46 13.37
N ILE A 178 -3.78 12.94 12.35
CA ILE A 178 -3.84 13.60 11.04
C ILE A 178 -5.11 14.45 10.94
N ASP A 179 -5.07 15.41 10.02
CA ASP A 179 -6.21 16.29 9.75
C ASP A 179 -6.81 16.02 8.38
N GLY A 180 -6.23 15.11 7.62
CA GLY A 180 -6.67 14.81 6.28
C GLY A 180 -5.71 13.82 5.66
N ALA A 181 -6.00 13.44 4.42
CA ALA A 181 -5.12 12.50 3.73
C ALA A 181 -4.90 12.96 2.30
N PHE A 182 -3.67 12.70 1.82
CA PHE A 182 -3.25 12.98 0.45
C PHE A 182 -3.09 11.64 -0.26
N SER A 183 -3.77 11.47 -1.39
CA SER A 183 -3.67 10.25 -2.19
C SER A 183 -2.61 10.39 -3.28
N TRP A 184 -1.85 9.32 -3.51
CA TRP A 184 -0.92 9.22 -4.63
C TRP A 184 -1.52 8.46 -5.82
N TYR A 185 -2.83 8.17 -5.78
CA TYR A 185 -3.49 7.41 -6.85
C TYR A 185 -3.86 8.35 -8.00
N ALA A 186 -2.85 8.83 -8.70
CA ALA A 186 -3.07 9.80 -9.76
C ALA A 186 -3.29 9.16 -11.12
N TRP A 187 -3.17 7.84 -11.24
CA TRP A 187 -3.15 7.17 -12.53
C TRP A 187 -4.03 5.93 -12.45
N PRO A 188 -4.39 5.35 -13.59
CA PRO A 188 -5.26 4.15 -13.55
C PRO A 188 -4.55 2.98 -12.88
N THR A 189 -5.19 2.42 -11.85
CA THR A 189 -4.73 1.21 -11.17
C THR A 189 -5.91 0.50 -10.51
N ASP A 190 -5.85 -0.83 -10.47
CA ASP A 190 -6.87 -1.62 -9.79
C ASP A 190 -6.46 -2.09 -8.40
N GLY A 191 -5.34 -1.59 -7.89
CA GLY A 191 -4.85 -1.98 -6.59
C GLY A 191 -3.70 -2.97 -6.61
N GLY A 192 -3.37 -3.51 -7.78
CA GLY A 192 -2.32 -4.50 -7.90
C GLY A 192 -1.16 -4.02 -8.73
N ASN A 193 -0.28 -4.94 -9.10
CA ASN A 193 0.95 -4.60 -9.81
C ASN A 193 0.89 -4.90 -11.30
N SER A 194 -0.30 -5.12 -11.85
CA SER A 194 -0.44 -5.12 -13.30
C SER A 194 -0.75 -3.70 -13.76
N ILE A 195 -0.24 -3.35 -14.93
CA ILE A 195 -0.63 -2.08 -15.55
C ILE A 195 -1.98 -2.27 -16.24
N ILE A 196 -2.93 -1.38 -15.94
CA ILE A 196 -4.26 -1.47 -16.54
C ILE A 196 -4.53 -0.30 -17.47
N LYS A 197 -5.44 -0.52 -18.40
CA LYS A 197 -5.85 0.53 -19.32
C LYS A 197 -6.65 1.60 -18.57
N GLY A 198 -6.69 2.78 -19.17
CA GLY A 198 -7.58 3.82 -18.72
C GLY A 198 -8.92 3.70 -19.40
N PRO A 199 -9.70 4.80 -19.41
CA PRO A 199 -9.37 6.11 -18.88
C PRO A 199 -9.34 6.13 -17.35
N MET A 200 -8.67 7.13 -16.80
CA MET A 200 -8.64 7.30 -15.36
C MET A 200 -10.07 7.46 -14.82
N THR A 201 -10.32 6.88 -13.65
CA THR A 201 -11.59 7.05 -12.94
C THR A 201 -11.32 7.64 -11.56
N THR A 202 -12.40 8.01 -10.87
CA THR A 202 -12.32 8.57 -9.53
C THR A 202 -12.51 7.51 -8.44
N ILE A 203 -12.38 6.23 -8.78
CA ILE A 203 -12.73 5.18 -7.82
C ILE A 203 -11.94 5.34 -6.52
N TRP A 204 -10.63 5.62 -6.61
CA TRP A 204 -9.84 5.73 -5.39
C TRP A 204 -10.15 7.04 -4.66
N ASP A 205 -10.38 8.12 -5.40
CA ASP A 205 -10.74 9.39 -4.77
C ASP A 205 -12.00 9.21 -3.94
N ASP A 206 -12.97 8.51 -4.48
CA ASP A 206 -14.25 8.36 -3.79
C ASP A 206 -14.10 7.46 -2.56
N ARG A 207 -13.22 6.48 -2.61
CA ARG A 207 -12.93 5.67 -1.43
C ARG A 207 -12.30 6.49 -0.32
N PHE A 208 -11.31 7.34 -0.64
CA PHE A 208 -10.73 8.19 0.39
C PHE A 208 -11.77 9.13 0.96
N ARG A 209 -12.57 9.77 0.10
CA ARG A 209 -13.51 10.76 0.56
C ARG A 209 -14.58 10.15 1.45
N ASN A 210 -15.01 8.93 1.14
CA ASN A 210 -16.00 8.27 2.00
C ASN A 210 -15.46 8.00 3.39
N ASN A 211 -14.18 7.63 3.49
CA ASN A 211 -13.58 7.31 4.79
C ASN A 211 -13.15 8.55 5.56
N LEU A 212 -12.89 9.65 4.87
CA LEU A 212 -12.34 10.82 5.53
C LEU A 212 -13.41 11.59 6.28
N LYS A 213 -14.66 11.49 5.82
CA LYS A 213 -15.81 12.10 6.47
C LYS A 213 -15.60 13.61 6.63
N ASP A 214 -15.33 14.06 7.85
CA ASP A 214 -15.15 15.48 8.11
C ASP A 214 -13.77 15.97 7.70
N LYS A 215 -12.77 15.09 7.71
CA LYS A 215 -11.40 15.48 7.45
C LYS A 215 -11.23 15.88 5.99
N VAL A 216 -10.11 16.48 5.68
N VAL A 216 -10.05 16.42 5.68
CA VAL A 216 -9.92 17.00 4.33
CA VAL A 216 -9.72 17.04 4.39
C VAL A 216 -9.23 15.96 3.46
C VAL A 216 -9.14 15.98 3.46
N TYR A 217 -9.47 16.07 2.17
CA TYR A 217 -8.88 15.21 1.15
C TYR A 217 -8.08 16.07 0.18
N MET A 218 -6.81 15.72 -0.03
CA MET A 218 -6.00 16.42 -1.02
C MET A 218 -5.88 15.44 -2.19
N ALA A 219 -6.50 15.78 -3.32
CA ALA A 219 -6.54 14.90 -4.49
C ALA A 219 -5.31 15.11 -5.38
N PRO A 220 -4.77 14.04 -5.95
CA PRO A 220 -3.63 14.19 -6.86
C PRO A 220 -4.07 14.48 -8.28
N VAL A 221 -3.33 15.36 -8.95
CA VAL A 221 -3.54 15.63 -10.38
C VAL A 221 -2.21 15.44 -11.08
N SER A 222 -2.13 14.46 -11.97
CA SER A 222 -0.91 14.22 -12.74
C SER A 222 -1.24 14.10 -14.23
N PRO A 223 -0.40 14.63 -15.12
CA PRO A 223 -0.70 14.54 -16.55
C PRO A 223 -0.27 13.24 -17.22
N TRP A 224 0.72 12.53 -16.67
CA TRP A 224 1.42 11.51 -17.45
C TRP A 224 2.21 10.64 -16.47
N PHE A 225 2.70 9.49 -16.94
CA PHE A 225 3.67 8.72 -16.16
C PHE A 225 4.55 7.90 -17.11
N SER A 226 5.86 8.11 -17.02
CA SER A 226 6.80 7.28 -17.76
C SER A 226 8.14 7.37 -17.03
N THR A 227 8.67 6.22 -16.60
CA THR A 227 9.96 6.18 -15.91
C THR A 227 10.80 5.06 -16.52
N HIS A 228 12.12 5.27 -16.53
CA HIS A 228 13.00 4.40 -17.34
C HIS A 228 14.39 4.31 -16.72
N PHE A 229 14.47 3.72 -15.53
CA PHE A 229 15.70 3.53 -14.79
C PHE A 229 15.91 2.04 -14.51
N ASN A 230 17.13 1.71 -14.08
CA ASN A 230 17.38 0.34 -13.67
C ASN A 230 16.48 -0.11 -12.51
N THR A 231 15.97 0.82 -11.70
CA THR A 231 15.15 0.48 -10.53
C THR A 231 13.66 0.67 -10.75
N LYS A 232 13.26 1.34 -11.84
CA LYS A 232 11.84 1.56 -12.10
C LYS A 232 11.65 1.82 -13.59
N ASN A 233 10.85 0.99 -14.23
CA ASN A 233 10.74 0.98 -15.69
C ASN A 233 9.33 0.57 -16.11
N TRP A 234 8.41 1.54 -16.07
CA TRP A 234 7.03 1.30 -16.50
C TRP A 234 6.38 2.61 -16.91
N VAL A 235 5.22 2.46 -17.57
CA VAL A 235 4.31 3.55 -17.83
C VAL A 235 2.99 3.26 -17.12
N PHE A 236 2.21 4.31 -16.88
CA PHE A 236 0.78 4.15 -16.66
C PHE A 236 0.06 4.68 -17.89
N ILE A 237 -1.20 4.29 -18.05
CA ILE A 237 -1.96 4.53 -19.27
C ILE A 237 -2.78 5.81 -19.06
N CYS A 238 -2.24 6.94 -19.51
CA CYS A 238 -2.73 8.25 -19.16
C CYS A 238 -3.49 8.91 -20.30
N GLU A 239 -2.82 9.14 -21.43
CA GLU A 239 -3.47 9.48 -22.69
C GLU A 239 -4.13 10.87 -22.65
N ASP A 240 -5.45 10.94 -22.40
CA ASP A 240 -6.12 12.22 -22.28
C ASP A 240 -6.05 12.81 -20.87
N LEU A 241 -5.36 12.12 -19.96
CA LEU A 241 -5.26 12.56 -18.56
C LEU A 241 -4.89 14.03 -18.34
N PRO A 242 -3.99 14.65 -19.13
CA PRO A 242 -3.65 16.07 -18.88
C PRO A 242 -4.85 17.00 -18.90
N HIS A 243 -5.92 16.62 -19.58
CA HIS A 243 -7.18 17.35 -19.53
C HIS A 243 -8.21 16.66 -18.64
N LEU A 244 -8.42 15.35 -18.85
CA LEU A 244 -9.50 14.64 -18.17
C LEU A 244 -9.44 14.80 -16.66
N ARG A 245 -8.24 14.73 -16.07
CA ARG A 245 -8.18 14.77 -14.61
C ARG A 245 -8.71 16.09 -14.07
N TRP A 246 -8.46 17.20 -14.78
CA TRP A 246 -8.96 18.49 -14.30
C TRP A 246 -10.48 18.56 -14.37
N GLN A 247 -11.08 17.89 -15.35
CA GLN A 247 -12.54 17.81 -15.38
C GLN A 247 -13.06 17.05 -14.16
N GLN A 248 -12.38 15.96 -13.79
CA GLN A 248 -12.76 15.24 -12.58
C GLN A 248 -12.67 16.12 -11.34
N MET A 249 -11.69 17.04 -11.30
CA MET A 249 -11.55 17.91 -10.14
C MET A 249 -12.77 18.85 -10.01
N LEU A 250 -13.26 19.40 -11.13
CA LEU A 250 -14.46 20.25 -11.05
C LEU A 250 -15.68 19.46 -10.59
N GLU A 251 -15.79 18.19 -10.99
N GLU A 251 -15.77 18.19 -10.99
CA GLU A 251 -16.88 17.34 -10.51
CA GLU A 251 -16.88 17.34 -10.58
C GLU A 251 -16.75 17.08 -9.02
C GLU A 251 -16.82 17.04 -9.08
N MET A 252 -15.54 16.73 -8.58
N MET A 252 -15.64 16.72 -8.58
CA MET A 252 -15.33 16.17 -7.26
CA MET A 252 -15.49 16.20 -7.24
C MET A 252 -15.25 17.23 -6.17
C MET A 252 -15.36 17.28 -6.17
N GLN A 253 -14.73 18.40 -6.50
CA GLN A 253 -14.54 19.49 -5.54
C GLN A 253 -13.80 19.08 -4.26
N PRO A 254 -12.60 18.49 -4.37
CA PRO A 254 -11.85 18.15 -3.16
C PRO A 254 -11.41 19.41 -2.40
N GLU A 255 -11.08 19.23 -1.12
CA GLU A 255 -10.69 20.40 -0.32
C GLU A 255 -9.38 21.02 -0.80
N LEU A 256 -8.45 20.18 -1.29
CA LEU A 256 -7.14 20.61 -1.78
C LEU A 256 -6.76 19.74 -2.97
N ILE A 257 -5.86 20.28 -3.80
CA ILE A 257 -5.27 19.54 -4.90
C ILE A 257 -3.76 19.63 -4.78
N GLU A 258 -3.06 18.53 -5.09
CA GLU A 258 -1.63 18.58 -5.32
C GLU A 258 -1.31 18.03 -6.70
N ILE A 259 -0.67 18.84 -7.53
CA ILE A 259 -0.22 18.43 -8.85
C ILE A 259 1.06 17.61 -8.72
N ILE A 260 1.03 16.42 -9.30
CA ILE A 260 2.20 15.54 -9.38
C ILE A 260 2.62 15.59 -10.86
N SER A 261 3.63 16.42 -11.20
CA SER A 261 4.50 17.16 -10.29
C SER A 261 4.96 18.42 -10.99
N TRP A 262 5.70 19.26 -10.26
CA TRP A 262 6.35 20.39 -10.93
C TRP A 262 7.57 19.93 -11.72
N ASN A 263 8.43 19.09 -11.13
CA ASN A 263 9.73 18.87 -11.75
C ASN A 263 10.30 17.47 -11.56
N ASP A 264 9.46 16.43 -11.41
CA ASP A 264 10.00 15.06 -11.34
C ASP A 264 10.22 14.56 -12.77
N TYR A 265 11.35 14.96 -13.34
CA TYR A 265 11.67 14.61 -14.72
C TYR A 265 11.73 13.10 -14.89
N GLY A 266 12.25 12.40 -13.87
CA GLY A 266 12.44 10.97 -13.97
C GLY A 266 11.18 10.15 -14.10
N GLU A 267 10.02 10.69 -13.72
CA GLU A 267 8.75 10.00 -13.92
C GLU A 267 7.87 10.67 -14.98
N SER A 268 8.37 11.71 -15.65
CA SER A 268 7.74 12.32 -16.81
C SER A 268 6.43 13.05 -16.50
N HIS A 269 6.11 13.29 -15.23
CA HIS A 269 4.86 14.00 -14.90
C HIS A 269 5.07 15.48 -14.59
N TYR A 270 6.25 16.02 -14.88
CA TYR A 270 6.52 17.43 -14.67
C TYR A 270 5.62 18.29 -15.56
N ILE A 271 5.08 19.37 -14.97
CA ILE A 271 4.44 20.44 -15.71
C ILE A 271 5.24 21.73 -15.67
N GLY A 272 6.28 21.78 -14.83
CA GLY A 272 7.15 22.93 -14.78
C GLY A 272 8.15 22.93 -15.90
N PRO A 273 8.97 23.99 -15.93
CA PRO A 273 10.01 24.07 -16.95
C PRO A 273 11.13 23.10 -16.66
N TYR A 274 11.92 22.81 -17.71
CA TYR A 274 13.15 22.05 -17.58
C TYR A 274 14.25 23.01 -17.15
N SER A 275 14.61 22.96 -15.86
CA SER A 275 15.53 23.92 -15.27
C SER A 275 16.98 23.52 -15.50
N GLU A 276 17.79 24.49 -15.93
CA GLU A 276 19.21 24.19 -16.15
C GLU A 276 19.95 23.86 -14.86
N ALA A 277 19.48 24.32 -13.72
CA ALA A 277 20.21 24.15 -12.48
C ALA A 277 19.91 22.85 -11.74
N HIS A 278 18.88 22.08 -12.14
CA HIS A 278 18.65 20.81 -11.44
C HIS A 278 19.75 19.80 -11.78
N SER A 279 19.88 18.80 -10.92
CA SER A 279 20.85 17.73 -11.09
C SER A 279 20.23 16.59 -11.89
N ASP A 280 20.81 16.29 -13.04
CA ASP A 280 20.36 15.17 -13.86
C ASP A 280 20.64 13.84 -13.16
N ASP A 281 19.65 12.94 -13.18
CA ASP A 281 19.75 11.60 -12.64
C ASP A 281 19.80 10.54 -13.72
N GLY A 282 19.92 10.94 -14.98
CA GLY A 282 19.76 10.08 -16.13
C GLY A 282 18.50 10.36 -16.93
N SER A 283 17.53 11.04 -16.32
CA SER A 283 16.28 11.37 -17.01
C SER A 283 16.45 12.36 -18.14
N ALA A 284 17.59 13.07 -18.24
CA ALA A 284 17.75 13.99 -19.36
C ALA A 284 17.58 13.26 -20.68
N GLN A 285 17.94 11.97 -20.72
CA GLN A 285 17.77 11.13 -21.91
C GLN A 285 16.37 11.24 -22.52
N TRP A 286 15.33 11.29 -21.68
CA TRP A 286 13.96 11.36 -22.18
C TRP A 286 13.25 12.68 -21.87
N THR A 287 13.93 13.67 -21.27
CA THR A 287 13.25 14.90 -20.88
C THR A 287 13.87 16.19 -21.41
N LYS A 288 15.18 16.21 -21.69
CA LYS A 288 15.82 17.47 -22.01
C LYS A 288 15.18 18.14 -23.23
N ASP A 289 14.79 17.35 -24.23
CA ASP A 289 14.19 17.88 -25.44
C ASP A 289 12.67 17.78 -25.45
N PHE A 290 12.05 17.59 -24.29
CA PHE A 290 10.62 17.30 -24.18
C PHE A 290 9.97 18.30 -23.24
N PRO A 291 9.67 19.50 -23.72
CA PRO A 291 9.00 20.49 -22.87
C PRO A 291 7.59 20.04 -22.54
N HIS A 292 7.17 20.32 -21.29
CA HIS A 292 5.81 20.06 -20.84
C HIS A 292 5.09 21.34 -20.44
N ASP A 293 5.70 22.52 -20.64
CA ASP A 293 5.12 23.76 -20.13
C ASP A 293 3.71 24.02 -20.63
N ALA A 294 3.40 23.61 -21.86
CA ALA A 294 2.07 23.90 -22.41
C ALA A 294 0.94 23.23 -21.64
N TRP A 295 1.23 22.19 -20.86
CA TRP A 295 0.16 21.61 -20.05
C TRP A 295 -0.36 22.61 -19.03
N ARG A 296 0.43 23.62 -18.66
CA ARG A 296 -0.07 24.64 -17.75
C ARG A 296 -1.16 25.52 -18.39
N ILE A 297 -1.22 25.57 -19.72
CA ILE A 297 -2.29 26.27 -20.41
C ILE A 297 -3.64 25.61 -20.14
N ILE A 298 -3.67 24.27 -20.07
CA ILE A 298 -4.89 23.56 -19.70
C ILE A 298 -5.20 23.78 -18.23
N ALA A 299 -4.18 23.67 -17.38
CA ALA A 299 -4.43 23.70 -15.95
C ALA A 299 -5.00 25.05 -15.51
N LYS A 300 -4.51 26.14 -16.09
CA LYS A 300 -4.82 27.49 -15.60
C LYS A 300 -6.33 27.77 -15.49
N PRO A 301 -7.14 27.59 -16.55
CA PRO A 301 -8.58 27.84 -16.39
C PRO A 301 -9.28 26.83 -15.50
N TYR A 302 -8.77 25.60 -15.40
CA TYR A 302 -9.40 24.63 -14.52
C TYR A 302 -9.12 24.94 -13.06
N ILE A 303 -7.93 25.45 -12.76
CA ILE A 303 -7.60 25.87 -11.40
C ILE A 303 -8.51 27.02 -10.97
N ALA A 304 -8.72 28.00 -11.84
CA ALA A 304 -9.61 29.10 -11.52
C ALA A 304 -11.03 28.60 -11.27
N ALA A 305 -11.52 27.73 -12.15
CA ALA A 305 -12.87 27.19 -11.97
C ALA A 305 -12.98 26.38 -10.68
N TYR A 306 -11.96 25.57 -10.38
CA TYR A 306 -11.96 24.75 -9.17
C TYR A 306 -12.07 25.63 -7.94
N LYS A 307 -11.26 26.69 -7.88
CA LYS A 307 -11.28 27.59 -6.73
C LYS A 307 -12.62 28.28 -6.58
N ALA A 308 -13.27 28.60 -7.72
CA ALA A 308 -14.55 29.29 -7.73
C ALA A 308 -15.74 28.35 -7.56
N GLY A 309 -15.52 27.04 -7.48
CA GLY A 309 -16.63 26.12 -7.36
C GLY A 309 -17.44 25.96 -8.63
N GLU A 310 -16.87 26.29 -9.78
CA GLU A 310 -17.58 26.24 -11.04
C GLU A 310 -17.45 24.86 -11.66
N ARG A 311 -18.49 24.44 -12.39
CA ARG A 311 -18.50 23.10 -12.97
C ARG A 311 -17.84 23.04 -14.34
N GLU A 312 -17.60 24.18 -14.96
CA GLU A 312 -16.96 24.25 -16.27
C GLU A 312 -15.95 25.39 -16.24
N PRO A 313 -14.89 25.28 -17.03
CA PRO A 313 -13.92 26.38 -17.12
C PRO A 313 -14.46 27.50 -18.00
N THR A 314 -13.81 28.66 -17.87
CA THR A 314 -14.10 29.82 -18.71
C THR A 314 -12.91 30.02 -19.65
N VAL A 315 -13.20 30.05 -20.94
CA VAL A 315 -12.15 30.23 -21.95
C VAL A 315 -12.08 31.72 -22.29
N GLU A 316 -10.89 32.30 -22.15
CA GLU A 316 -10.76 33.73 -22.41
C GLU A 316 -10.20 34.06 -23.79
N SER A 317 -9.44 33.15 -24.39
CA SER A 317 -8.93 33.34 -25.74
C SER A 317 -8.75 31.97 -26.37
N ASP A 318 -8.65 31.93 -27.69
CA ASP A 318 -8.48 30.69 -28.41
C ASP A 318 -7.06 30.17 -28.23
N GLN A 319 -6.92 28.92 -27.78
CA GLN A 319 -5.61 28.26 -27.66
C GLN A 319 -5.76 26.79 -28.01
N LEU A 320 -4.62 26.16 -28.27
CA LEU A 320 -4.54 24.74 -28.53
C LEU A 320 -3.31 24.19 -27.82
N VAL A 321 -3.45 23.02 -27.18
CA VAL A 321 -2.33 22.32 -26.56
C VAL A 321 -2.29 20.92 -27.17
N TYR A 322 -1.10 20.46 -27.57
CA TYR A 322 -0.95 19.13 -28.17
C TYR A 322 0.15 18.35 -27.48
N TRP A 323 0.03 17.01 -27.52
CA TRP A 323 1.10 16.16 -27.00
C TRP A 323 1.11 14.81 -27.70
N TYR A 324 2.30 14.21 -27.78
CA TYR A 324 2.47 12.90 -28.41
C TYR A 324 3.83 12.33 -28.06
N ARG A 325 3.91 11.00 -28.09
CA ARG A 325 5.15 10.27 -27.88
C ARG A 325 6.03 10.34 -29.12
N PRO A 326 7.33 10.07 -28.98
CA PRO A 326 8.25 10.26 -30.13
C PRO A 326 8.19 9.17 -31.19
N THR A 327 7.70 7.98 -30.90
CA THR A 327 7.65 6.90 -31.88
C THR A 327 6.38 6.08 -31.69
N PRO A 328 5.99 5.30 -32.69
CA PRO A 328 4.96 4.27 -32.45
C PRO A 328 5.42 3.29 -31.38
N LYS A 329 4.46 2.77 -30.61
CA LYS A 329 4.76 1.98 -29.42
C LYS A 329 5.49 0.67 -29.74
N ALA A 330 5.34 0.13 -30.94
CA ALA A 330 5.90 -1.17 -31.28
C ALA A 330 7.34 -1.10 -31.78
N VAL A 331 7.95 0.08 -31.87
CA VAL A 331 9.30 0.19 -32.40
C VAL A 331 10.28 -0.48 -31.44
N THR A 332 11.14 -1.35 -31.96
CA THR A 332 12.18 -1.97 -31.15
C THR A 332 13.43 -1.10 -31.21
N CYS A 333 14.01 -0.85 -30.04
CA CYS A 333 15.21 -0.05 -29.85
C CYS A 333 16.46 -0.71 -30.45
N SER A 334 17.45 0.11 -30.76
CA SER A 334 18.73 -0.43 -31.25
C SER A 334 19.76 -0.69 -30.15
N LYS A 335 19.66 -0.05 -28.98
CA LYS A 335 20.76 -0.23 -28.02
C LYS A 335 20.42 0.10 -26.57
N ASP A 336 19.16 0.08 -26.16
CA ASP A 336 18.85 0.44 -24.79
C ASP A 336 19.28 -0.67 -23.84
N PRO A 337 20.09 -0.37 -22.82
CA PRO A 337 20.44 -1.40 -21.83
C PRO A 337 19.29 -1.77 -20.90
N LEU A 338 18.22 -0.98 -20.89
CA LEU A 338 17.02 -1.33 -20.17
C LEU A 338 16.00 -1.78 -21.21
N GLY A 339 15.18 -2.74 -20.85
CA GLY A 339 14.17 -3.21 -21.75
C GLY A 339 13.04 -2.20 -21.92
N PRO A 340 12.06 -2.56 -22.74
CA PRO A 340 10.89 -1.70 -22.87
C PRO A 340 10.14 -1.59 -21.56
N PRO A 341 9.55 -0.43 -21.28
CA PRO A 341 8.82 -0.27 -20.03
C PRO A 341 7.60 -1.19 -19.96
N ASN A 342 7.32 -1.65 -18.75
CA ASN A 342 6.10 -2.41 -18.52
C ASN A 342 4.89 -1.54 -18.84
N GLY A 343 3.96 -2.08 -19.63
CA GLY A 343 2.68 -1.47 -19.88
C GLY A 343 2.51 -0.88 -21.25
N ILE A 344 3.58 -0.79 -22.05
CA ILE A 344 3.49 -0.01 -23.28
C ILE A 344 2.52 -0.57 -24.29
N ASN A 345 2.24 -1.87 -24.24
CA ASN A 345 1.30 -2.44 -25.21
C ASN A 345 -0.11 -1.87 -25.06
N LEU A 346 -0.44 -1.28 -23.89
CA LEU A 346 -1.77 -0.75 -23.64
C LEU A 346 -1.92 0.69 -24.08
N LEU A 347 -0.84 1.33 -24.52
CA LEU A 347 -0.91 2.69 -25.00
C LEU A 347 -1.52 2.73 -26.41
N GLU A 348 -1.96 3.92 -26.82
CA GLU A 348 -2.38 4.13 -28.19
C GLU A 348 -1.37 4.98 -28.93
N ASP A 349 -1.18 4.68 -30.22
CA ASP A 349 -0.36 5.51 -31.10
C ASP A 349 -1.21 6.69 -31.56
N SER A 350 -1.26 7.71 -30.70
CA SER A 350 -2.15 8.85 -30.91
C SER A 350 -1.43 10.17 -30.67
N VAL A 351 -1.95 11.19 -31.36
CA VAL A 351 -1.63 12.59 -31.09
C VAL A 351 -2.83 13.19 -30.37
N PHE A 352 -2.59 13.81 -29.22
CA PHE A 352 -3.67 14.37 -28.40
C PHE A 352 -3.72 15.88 -28.53
N VAL A 353 -4.93 16.42 -28.68
CA VAL A 353 -5.11 17.85 -28.88
C VAL A 353 -6.22 18.36 -27.97
N THR A 354 -5.89 19.30 -27.10
CA THR A 354 -6.89 19.99 -26.29
C THR A 354 -7.09 21.38 -26.89
N THR A 355 -8.31 21.65 -27.35
CA THR A 355 -8.65 22.99 -27.84
C THR A 355 -9.33 23.79 -26.73
N LEU A 356 -8.98 25.07 -26.65
CA LEU A 356 -9.57 26.00 -25.70
C LEU A 356 -10.21 27.08 -26.57
N LEU A 357 -11.54 27.05 -26.70
CA LEU A 357 -12.21 27.82 -27.74
C LEU A 357 -13.32 28.71 -27.19
N THR A 358 -13.33 29.97 -27.65
CA THR A 358 -14.38 30.90 -27.28
C THR A 358 -15.68 30.61 -28.03
N GLU A 359 -15.59 30.03 -29.21
CA GLU A 359 -16.71 29.71 -30.08
C GLU A 359 -16.40 28.43 -30.81
N PRO A 360 -17.40 27.70 -31.30
CA PRO A 360 -17.13 26.48 -32.06
C PRO A 360 -16.18 26.75 -33.22
N ALA A 361 -15.46 25.71 -33.63
CA ALA A 361 -14.49 25.81 -34.71
C ALA A 361 -14.23 24.42 -35.26
N THR A 362 -13.31 24.33 -36.23
CA THR A 362 -12.93 23.06 -36.85
C THR A 362 -11.44 22.85 -36.65
N LEU A 363 -11.08 21.67 -36.14
CA LEU A 363 -9.70 21.29 -35.87
C LEU A 363 -9.25 20.31 -36.94
N THR A 364 -8.11 20.60 -37.57
CA THR A 364 -7.48 19.74 -38.58
C THR A 364 -6.08 19.36 -38.12
N VAL A 365 -5.76 18.07 -38.20
CA VAL A 365 -4.48 17.56 -37.74
C VAL A 365 -3.86 16.75 -38.87
N GLY A 366 -2.62 17.06 -39.22
CA GLY A 366 -1.83 16.23 -40.10
C GLY A 366 -0.78 15.51 -39.27
N SER A 367 -0.72 14.18 -39.43
CA SER A 367 0.23 13.36 -38.68
C SER A 367 0.91 12.45 -39.69
N GLY A 368 2.13 12.81 -40.09
CA GLY A 368 2.76 12.12 -41.21
C GLY A 368 1.90 12.29 -42.46
N SER A 369 1.66 11.17 -43.14
CA SER A 369 0.83 11.20 -44.35
C SER A 369 -0.66 11.24 -44.04
N LEU A 370 -1.05 11.12 -42.78
CA LEU A 370 -2.44 11.07 -42.37
C LEU A 370 -2.99 12.48 -42.16
N GLU A 371 -4.27 12.66 -42.48
CA GLU A 371 -4.94 13.93 -42.20
C GLU A 371 -6.35 13.69 -41.68
N PHE A 372 -6.73 14.46 -40.68
CA PHE A 372 -8.00 14.30 -40.00
C PHE A 372 -8.59 15.67 -39.69
N SER A 373 -9.91 15.71 -39.58
CA SER A 373 -10.55 16.93 -39.10
C SER A 373 -11.78 16.58 -38.28
N VAL A 374 -12.12 17.47 -37.35
CA VAL A 374 -13.26 17.27 -36.47
C VAL A 374 -13.81 18.63 -36.05
N ASP A 375 -15.13 18.75 -36.01
CA ASP A 375 -15.76 19.95 -35.51
C ASP A 375 -15.74 19.90 -33.98
N VAL A 376 -15.42 21.02 -33.36
N VAL A 376 -15.39 21.02 -33.37
CA VAL A 376 -15.19 21.09 -31.93
CA VAL A 376 -15.19 21.09 -31.92
C VAL A 376 -16.02 22.22 -31.33
C VAL A 376 -16.07 22.20 -31.36
N ASP A 377 -16.67 21.94 -30.20
CA ASP A 377 -17.51 22.92 -29.54
C ASP A 377 -16.66 23.97 -28.83
N ALA A 378 -17.30 25.09 -28.49
CA ALA A 378 -16.72 26.03 -27.56
C ALA A 378 -16.44 25.33 -26.23
N GLY A 379 -15.50 25.89 -25.48
CA GLY A 379 -15.06 25.27 -24.24
C GLY A 379 -13.71 24.61 -24.40
N ILE A 380 -13.42 23.69 -23.47
CA ILE A 380 -12.15 22.95 -23.47
C ILE A 380 -12.44 21.49 -23.74
N VAL A 381 -11.94 21.00 -24.88
CA VAL A 381 -12.26 19.68 -25.38
C VAL A 381 -10.98 18.99 -25.85
N THR A 382 -10.85 17.68 -25.56
CA THR A 382 -9.70 16.92 -26.05
C THR A 382 -10.16 15.93 -27.11
N ASN A 383 -9.38 15.86 -28.20
CA ASN A 383 -9.56 14.86 -29.26
C ASN A 383 -8.24 14.16 -29.50
N SER A 384 -8.29 12.86 -29.78
CA SER A 384 -7.09 12.12 -30.14
C SER A 384 -7.14 11.72 -31.60
N PHE A 385 -5.97 11.66 -32.23
CA PHE A 385 -5.83 11.41 -33.65
C PHE A 385 -4.81 10.32 -33.89
N PRO A 386 -5.03 9.44 -34.85
CA PRO A 386 -4.02 8.42 -35.17
C PRO A 386 -2.67 9.04 -35.51
N MET A 387 -1.61 8.49 -34.91
CA MET A 387 -0.23 8.93 -35.12
C MET A 387 0.34 8.41 -36.43
N GLY A 388 0.95 9.30 -37.19
CA GLY A 388 1.76 8.89 -38.34
C GLY A 388 3.20 9.34 -38.18
N VAL A 389 4.12 8.55 -38.74
CA VAL A 389 5.53 8.90 -38.71
C VAL A 389 5.78 10.10 -39.62
N GLY A 390 6.58 11.05 -39.13
CA GLY A 390 6.88 12.25 -39.88
C GLY A 390 6.44 13.54 -39.21
N SER A 391 6.21 14.56 -40.04
N SER A 391 6.23 14.59 -40.01
CA SER A 391 5.86 15.88 -39.54
CA SER A 391 5.91 15.89 -39.47
C SER A 391 4.44 15.90 -38.99
C SER A 391 4.46 15.94 -39.01
N GLN A 392 4.22 16.74 -37.98
CA GLN A 392 2.91 16.90 -37.36
C GLN A 392 2.47 18.33 -37.57
N ALA A 393 1.18 18.54 -37.86
CA ALA A 393 0.64 19.86 -38.18
C ALA A 393 -0.73 20.02 -37.55
N PHE A 394 -1.03 21.24 -37.10
CA PHE A 394 -2.27 21.55 -36.41
C PHE A 394 -2.86 22.84 -36.97
N SER A 395 -4.18 22.90 -37.04
CA SER A 395 -4.83 24.11 -37.54
C SER A 395 -6.25 24.14 -37.01
N VAL A 396 -6.68 25.32 -36.56
CA VAL A 396 -8.05 25.55 -36.14
C VAL A 396 -8.61 26.65 -37.02
N THR A 397 -9.75 26.38 -37.64
CA THR A 397 -10.41 27.32 -38.53
C THR A 397 -11.82 27.63 -38.04
N ARG A 398 -12.26 28.87 -38.25
CA ARG A 398 -13.60 29.27 -37.86
C ARG A 398 -14.09 30.24 -38.93
N ASP A 399 -15.28 30.00 -39.44
CA ASP A 399 -15.83 30.80 -40.55
C ASP A 399 -14.84 30.82 -41.71
N GLY A 400 -14.25 29.66 -41.99
CA GLY A 400 -13.35 29.51 -43.11
C GLY A 400 -12.06 30.30 -43.03
N GLU A 401 -11.63 30.67 -41.83
CA GLU A 401 -10.36 31.38 -41.66
C GLU A 401 -9.58 30.75 -40.52
N GLU A 402 -8.26 30.62 -40.70
CA GLU A 402 -7.43 29.97 -39.68
C GLU A 402 -7.23 30.90 -38.49
N ILE A 403 -7.64 30.46 -37.31
CA ILE A 403 -7.46 31.28 -36.11
C ILE A 403 -6.19 30.93 -35.33
N LEU A 404 -5.65 29.72 -35.49
CA LEU A 404 -4.36 29.38 -34.93
C LEU A 404 -3.85 28.12 -35.61
N GLY A 405 -2.56 27.89 -35.49
CA GLY A 405 -1.99 26.68 -36.05
C GLY A 405 -0.50 26.80 -36.29
N GLY A 406 0.09 25.66 -36.62
CA GLY A 406 1.51 25.59 -36.88
C GLY A 406 1.98 24.15 -36.88
N ASP A 407 3.30 24.00 -36.91
CA ASP A 407 3.94 22.69 -36.94
C ASP A 407 4.23 22.20 -35.53
N GLY A 408 4.02 20.90 -35.32
CA GLY A 408 4.47 20.30 -34.08
C GLY A 408 5.98 20.37 -33.95
N GLY A 409 6.44 20.59 -32.72
CA GLY A 409 7.87 20.80 -32.51
C GLY A 409 8.75 19.57 -32.67
N LEU A 410 8.18 18.38 -32.84
CA LEU A 410 8.96 17.14 -32.96
C LEU A 410 8.38 16.28 -34.06
N ASP A 411 9.23 15.83 -34.98
CA ASP A 411 8.80 14.84 -35.96
C ASP A 411 8.78 13.47 -35.29
N VAL A 412 7.69 12.73 -35.49
CA VAL A 412 7.60 11.35 -34.99
C VAL A 412 8.50 10.46 -35.84
N GLN A 413 9.24 9.56 -35.19
CA GLN A 413 10.21 8.71 -35.86
C GLN A 413 9.79 7.25 -35.80
N ASP A 414 10.36 6.45 -36.71
CA ASP A 414 10.10 5.02 -36.79
C ASP A 414 11.26 4.16 -36.28
N ARG A 415 12.20 4.76 -35.55
CA ARG A 415 13.32 4.05 -34.97
C ARG A 415 13.72 4.77 -33.70
N CYS A 416 14.44 4.06 -32.82
CA CYS A 416 14.94 4.71 -31.61
C CYS A 416 16.19 4.01 -31.12
N ASP A 417 17.07 4.79 -30.50
CA ASP A 417 18.19 4.20 -29.76
C ASP A 417 17.72 3.68 -28.41
N TYR A 418 16.91 4.49 -27.71
CA TYR A 418 16.41 4.16 -26.37
C TYR A 418 14.90 4.31 -26.35
N TYR A 419 14.25 3.55 -25.46
CA TYR A 419 12.81 3.67 -25.30
C TYR A 419 12.46 4.96 -24.56
N ASN A 420 11.64 5.79 -25.19
CA ASN A 420 11.20 7.05 -24.61
C ASN A 420 9.68 7.08 -24.70
N PHE A 421 9.03 6.88 -23.56
CA PHE A 421 7.58 6.91 -23.48
C PHE A 421 7.06 8.16 -22.77
N ASN A 422 7.91 9.17 -22.58
CA ASN A 422 7.51 10.54 -22.31
C ASN A 422 6.86 11.12 -23.58
N VAL A 423 6.27 12.30 -23.43
CA VAL A 423 5.66 13.02 -24.55
C VAL A 423 6.29 14.39 -24.73
N TYR A 424 6.24 14.84 -25.98
CA TYR A 424 6.53 16.23 -26.34
C TYR A 424 5.21 16.99 -26.26
N VAL A 425 5.21 18.17 -25.64
CA VAL A 425 4.00 18.99 -25.50
C VAL A 425 4.28 20.35 -26.13
N GLY A 426 3.29 20.89 -26.85
CA GLY A 426 3.40 22.21 -27.42
C GLY A 426 2.06 22.92 -27.47
N SER A 427 2.07 24.16 -27.97
CA SER A 427 0.85 24.93 -27.98
C SER A 427 0.88 25.97 -29.10
N PHE A 428 -0.31 26.49 -29.40
CA PHE A 428 -0.49 27.67 -30.24
C PHE A 428 -1.55 28.54 -29.58
N SER A 429 -1.33 29.85 -29.56
CA SER A 429 -2.27 30.75 -28.92
C SER A 429 -2.61 31.89 -29.86
N ALA A 430 -3.89 32.23 -29.91
CA ALA A 430 -4.35 33.36 -30.73
C ALA A 430 -3.82 34.65 -30.12
N ASN B 35 -10.19 -23.23 31.32
CA ASN B 35 -9.62 -23.88 30.15
C ASN B 35 -9.11 -22.87 29.15
N LYS B 36 -8.04 -23.24 28.44
CA LYS B 36 -7.43 -22.41 27.42
C LYS B 36 -7.77 -22.95 26.04
N TYR B 37 -7.85 -22.04 25.06
CA TYR B 37 -8.33 -22.38 23.73
C TYR B 37 -7.52 -21.62 22.70
N VAL B 38 -7.41 -22.21 21.51
CA VAL B 38 -6.69 -21.63 20.38
C VAL B 38 -7.66 -21.48 19.22
N THR B 39 -7.71 -20.28 18.66
CA THR B 39 -8.58 -19.97 17.53
C THR B 39 -7.71 -19.55 16.35
N ALA B 40 -8.34 -19.42 15.19
CA ALA B 40 -7.63 -18.98 13.99
C ALA B 40 -8.51 -18.03 13.18
N HIS B 41 -7.89 -16.94 12.73
CA HIS B 41 -8.58 -15.87 11.99
C HIS B 41 -8.85 -16.34 10.57
N PHE B 42 -10.14 -16.33 10.17
CA PHE B 42 -10.56 -16.82 8.87
C PHE B 42 -11.21 -15.68 8.11
N MET B 43 -10.76 -15.46 6.87
CA MET B 43 -11.26 -14.34 6.06
C MET B 43 -12.52 -14.75 5.29
N VAL B 44 -13.69 -14.36 5.82
CA VAL B 44 -14.94 -14.64 5.12
C VAL B 44 -15.02 -13.83 3.83
N GLY B 45 -14.35 -12.69 3.78
CA GLY B 45 -14.47 -11.80 2.63
C GLY B 45 -13.96 -12.41 1.33
N ILE B 46 -13.12 -13.45 1.40
CA ILE B 46 -12.58 -14.09 0.21
C ILE B 46 -13.23 -15.42 -0.10
N VAL B 47 -14.34 -15.76 0.57
CA VAL B 47 -14.95 -17.06 0.31
C VAL B 47 -16.41 -16.96 -0.15
N GLU B 48 -16.69 -15.98 -1.03
CA GLU B 48 -18.06 -15.83 -1.55
C GLU B 48 -18.61 -17.14 -2.07
N ASN B 49 -17.78 -17.94 -2.74
CA ASN B 49 -18.22 -19.13 -3.44
C ASN B 49 -18.02 -20.41 -2.64
N TYR B 50 -17.65 -20.32 -1.37
CA TYR B 50 -17.52 -21.53 -0.58
C TYR B 50 -18.85 -22.27 -0.48
N THR B 51 -18.75 -23.58 -0.37
CA THR B 51 -19.87 -24.44 -0.01
C THR B 51 -19.66 -24.93 1.41
N VAL B 52 -20.69 -25.58 1.96
CA VAL B 52 -20.53 -26.20 3.27
C VAL B 52 -19.38 -27.19 3.27
N ASP B 53 -19.21 -27.94 2.18
CA ASP B 53 -18.13 -28.92 2.09
C ASP B 53 -16.76 -28.23 2.14
N ASP B 54 -16.61 -27.07 1.50
CA ASP B 54 -15.35 -26.36 1.55
C ASP B 54 -15.01 -25.95 2.98
N TRP B 55 -16.01 -25.45 3.72
CA TRP B 55 -15.77 -25.12 5.12
C TRP B 55 -15.35 -26.34 5.92
N LYS B 56 -16.02 -27.49 5.69
CA LYS B 56 -15.72 -28.68 6.46
C LYS B 56 -14.27 -29.10 6.26
N HIS B 57 -13.75 -28.94 5.04
CA HIS B 57 -12.37 -29.33 4.76
C HIS B 57 -11.39 -28.49 5.57
N ASP B 58 -11.59 -27.17 5.57
CA ASP B 58 -10.73 -26.31 6.40
C ASP B 58 -10.84 -26.71 7.86
N MET B 59 -12.06 -27.01 8.32
CA MET B 59 -12.25 -27.25 9.74
C MET B 59 -11.59 -28.56 10.18
N GLU B 60 -11.63 -29.57 9.30
CA GLU B 60 -10.99 -30.83 9.62
C GLU B 60 -9.47 -30.65 9.78
N LEU B 61 -8.87 -29.84 8.92
CA LEU B 61 -7.43 -29.58 9.04
C LEU B 61 -7.13 -28.78 10.30
N ALA B 62 -8.00 -27.82 10.64
CA ALA B 62 -7.80 -27.07 11.88
C ALA B 62 -7.89 -27.97 13.10
N LYS B 63 -8.91 -28.85 13.12
CA LYS B 63 -9.04 -29.82 14.21
C LYS B 63 -7.79 -30.67 14.35
N GLU B 64 -7.23 -31.14 13.23
CA GLU B 64 -6.03 -31.98 13.30
C GLU B 64 -4.86 -31.24 13.94
N THR B 65 -4.78 -29.92 13.76
CA THR B 65 -3.73 -29.13 14.38
C THR B 65 -3.99 -28.86 15.86
N GLY B 66 -5.23 -29.06 16.32
CA GLY B 66 -5.59 -28.74 17.68
C GLY B 66 -6.28 -27.40 17.85
N ILE B 67 -6.60 -26.72 16.75
CA ILE B 67 -7.32 -25.47 16.84
C ILE B 67 -8.76 -25.74 17.25
N ASP B 68 -9.30 -24.88 18.14
CA ASP B 68 -10.64 -25.08 18.68
C ASP B 68 -11.73 -24.39 17.88
N ALA B 69 -11.43 -23.27 17.21
CA ALA B 69 -12.46 -22.49 16.56
C ALA B 69 -11.86 -21.57 15.51
N PHE B 70 -12.67 -21.22 14.51
CA PHE B 70 -12.34 -20.14 13.60
C PHE B 70 -13.03 -18.85 14.05
N ALA B 71 -12.30 -17.75 14.02
CA ALA B 71 -12.87 -16.41 14.08
C ALA B 71 -13.27 -16.03 12.66
N LEU B 72 -14.58 -15.85 12.44
CA LEU B 72 -15.11 -15.60 11.09
C LEU B 72 -15.09 -14.10 10.87
N ASN B 73 -14.02 -13.62 10.23
CA ASN B 73 -13.85 -12.19 10.01
C ASN B 73 -14.65 -11.77 8.78
N CYS B 74 -15.62 -10.89 8.98
CA CYS B 74 -16.59 -10.60 7.93
C CYS B 74 -16.91 -9.11 7.90
N ALA B 75 -17.48 -8.70 6.77
CA ALA B 75 -17.74 -7.30 6.47
C ALA B 75 -19.22 -7.06 6.21
N SER B 76 -19.71 -5.89 6.67
CA SER B 76 -21.08 -5.51 6.39
C SER B 76 -21.34 -5.33 4.89
N ILE B 77 -20.30 -5.00 4.12
CA ILE B 77 -20.48 -4.61 2.72
C ILE B 77 -20.58 -5.79 1.77
N ASP B 78 -20.25 -7.01 2.21
CA ASP B 78 -20.26 -8.18 1.35
C ASP B 78 -21.67 -8.79 1.33
N SER B 79 -22.25 -8.91 0.15
CA SER B 79 -23.61 -9.43 0.04
C SER B 79 -23.70 -10.88 0.47
N TYR B 80 -22.57 -11.59 0.52
CA TYR B 80 -22.52 -13.02 0.84
C TYR B 80 -22.18 -13.29 2.31
N THR B 81 -22.08 -12.24 3.13
CA THR B 81 -21.74 -12.46 4.53
C THR B 81 -22.75 -13.37 5.22
N ASP B 82 -24.05 -13.08 5.09
CA ASP B 82 -25.02 -13.89 5.81
C ASP B 82 -25.00 -15.33 5.31
N LYS B 83 -24.91 -15.51 3.99
CA LYS B 83 -24.84 -16.85 3.40
C LYS B 83 -23.67 -17.65 3.96
N GLN B 84 -22.48 -17.03 3.96
CA GLN B 84 -21.28 -17.76 4.37
C GLN B 84 -21.20 -17.94 5.88
N LEU B 85 -21.69 -16.99 6.67
CA LEU B 85 -21.82 -17.25 8.10
C LEU B 85 -22.71 -18.47 8.36
N ALA B 86 -23.83 -18.56 7.65
CA ALA B 86 -24.72 -19.71 7.84
C ALA B 86 -24.02 -21.01 7.46
N TYR B 87 -23.30 -21.01 6.33
CA TYR B 87 -22.57 -22.20 5.94
C TYR B 87 -21.52 -22.58 6.97
N ALA B 88 -20.77 -21.59 7.50
CA ALA B 88 -19.71 -21.89 8.44
C ALA B 88 -20.27 -22.49 9.72
N TYR B 89 -21.37 -21.93 10.22
CA TYR B 89 -21.98 -22.45 11.43
C TYR B 89 -22.55 -23.86 11.21
N GLU B 90 -23.16 -24.09 10.04
CA GLU B 90 -23.63 -25.43 9.69
C GLU B 90 -22.48 -26.43 9.66
N ALA B 91 -21.40 -26.08 8.95
CA ALA B 91 -20.25 -26.97 8.84
C ALA B 91 -19.66 -27.27 10.21
N ALA B 92 -19.53 -26.26 11.07
CA ALA B 92 -18.97 -26.47 12.40
C ALA B 92 -19.82 -27.45 13.20
N GLU B 93 -21.13 -27.29 13.17
CA GLU B 93 -22.02 -28.24 13.86
C GLU B 93 -21.83 -29.64 13.31
N GLU B 94 -21.69 -29.78 11.99
CA GLU B 94 -21.61 -31.10 11.36
C GLU B 94 -20.33 -31.85 11.73
N VAL B 95 -19.21 -31.14 11.86
CA VAL B 95 -17.92 -31.79 12.09
C VAL B 95 -17.42 -31.61 13.53
N ASP B 96 -18.30 -31.18 14.44
N ASP B 96 -18.28 -31.16 14.44
CA ASP B 96 -17.94 -30.98 15.86
CA ASP B 96 -17.93 -30.99 15.86
C ASP B 96 -16.79 -29.99 16.03
C ASP B 96 -16.80 -29.98 16.06
N PHE B 97 -16.87 -28.89 15.29
CA PHE B 97 -15.94 -27.76 15.42
C PHE B 97 -16.76 -26.58 15.96
N LYS B 98 -16.07 -25.46 16.20
N LYS B 98 -16.07 -25.46 16.20
CA LYS B 98 -16.74 -24.27 16.71
CA LYS B 98 -16.73 -24.27 16.73
C LYS B 98 -16.29 -23.06 15.92
C LYS B 98 -16.29 -23.05 15.92
N VAL B 99 -17.18 -22.05 15.86
CA VAL B 99 -16.87 -20.79 15.18
C VAL B 99 -17.44 -19.65 16.01
N PHE B 100 -16.91 -18.45 15.78
CA PHE B 100 -17.43 -17.23 16.38
C PHE B 100 -17.13 -16.11 15.41
N ILE B 101 -17.81 -14.99 15.58
CA ILE B 101 -17.76 -13.93 14.58
C ILE B 101 -16.71 -12.88 14.96
N SER B 102 -15.91 -12.48 13.97
CA SER B 102 -15.03 -11.31 14.05
C SER B 102 -15.63 -10.25 13.14
N PHE B 103 -16.25 -9.23 13.74
CA PHE B 103 -16.80 -8.12 12.97
C PHE B 103 -15.64 -7.21 12.55
N ASP B 104 -15.40 -7.12 11.24
CA ASP B 104 -14.29 -6.34 10.72
C ASP B 104 -14.74 -4.89 10.61
N PHE B 105 -14.30 -4.05 11.54
CA PHE B 105 -14.77 -2.67 11.60
C PHE B 105 -14.03 -1.73 10.65
N ALA B 106 -13.21 -2.26 9.75
CA ALA B 106 -12.89 -1.49 8.55
C ALA B 106 -14.10 -1.37 7.63
N TYR B 107 -15.17 -2.13 7.90
CA TYR B 107 -16.38 -2.13 7.08
C TYR B 107 -17.62 -1.92 7.94
N TRP B 108 -17.81 -2.73 8.99
CA TRP B 108 -18.86 -2.45 9.95
C TRP B 108 -18.60 -1.12 10.65
N SER B 109 -19.66 -0.49 11.13
CA SER B 109 -19.54 0.77 11.84
C SER B 109 -20.48 0.77 13.03
N ASN B 110 -20.29 1.75 13.94
CA ASN B 110 -21.11 1.81 15.15
C ASN B 110 -22.59 1.92 14.83
N GLY B 111 -22.93 2.49 13.68
CA GLY B 111 -24.32 2.58 13.27
C GLY B 111 -24.95 1.26 12.85
N ASP B 112 -24.16 0.18 12.78
CA ASP B 112 -24.69 -1.13 12.42
C ASP B 112 -25.15 -1.92 13.62
N THR B 113 -25.33 -1.29 14.78
CA THR B 113 -25.67 -2.00 16.00
C THR B 113 -26.88 -2.92 15.83
N ALA B 114 -27.92 -2.47 15.11
CA ALA B 114 -29.13 -3.28 15.00
C ALA B 114 -28.87 -4.58 14.24
N ARG B 115 -28.10 -4.51 13.15
CA ARG B 115 -27.79 -5.73 12.40
C ARG B 115 -26.86 -6.64 13.20
N ILE B 116 -25.85 -6.07 13.85
CA ILE B 116 -24.96 -6.87 14.69
C ILE B 116 -25.76 -7.58 15.76
N THR B 117 -26.75 -6.89 16.35
CA THR B 117 -27.63 -7.52 17.33
C THR B 117 -28.42 -8.69 16.73
N SER B 118 -29.02 -8.50 15.54
CA SER B 118 -29.80 -9.59 14.95
C SER B 118 -28.91 -10.78 14.63
N ILE B 119 -27.71 -10.53 14.11
CA ILE B 119 -26.78 -11.62 13.84
C ILE B 119 -26.44 -12.38 15.13
N MET B 120 -26.21 -11.64 16.22
CA MET B 120 -25.93 -12.33 17.47
C MET B 120 -27.16 -13.03 18.03
N GLN B 121 -28.35 -12.49 17.79
N GLN B 121 -28.35 -12.48 17.80
CA GLN B 121 -29.57 -13.18 18.17
CA GLN B 121 -29.55 -13.22 18.19
C GLN B 121 -29.67 -14.52 17.44
C GLN B 121 -29.60 -14.55 17.47
N THR B 122 -29.18 -14.59 16.21
CA THR B 122 -29.20 -15.82 15.45
C THR B 122 -28.20 -16.84 15.99
N TYR B 123 -26.98 -16.40 16.34
CA TYR B 123 -25.87 -17.33 16.50
C TYR B 123 -25.40 -17.54 17.93
N ALA B 124 -25.78 -16.67 18.88
CA ALA B 124 -25.20 -16.75 20.22
C ALA B 124 -25.43 -18.10 20.87
N ASP B 125 -26.55 -18.77 20.56
CA ASP B 125 -26.86 -20.10 21.11
C ASP B 125 -26.88 -21.19 20.04
N HIS B 126 -26.34 -20.91 18.85
CA HIS B 126 -26.28 -21.92 17.80
C HIS B 126 -25.34 -23.06 18.22
N PRO B 127 -25.65 -24.31 17.86
CA PRO B 127 -24.78 -25.42 18.28
C PRO B 127 -23.32 -25.29 17.86
N GLY B 128 -23.03 -24.59 16.76
CA GLY B 128 -21.66 -24.39 16.33
C GLY B 128 -20.94 -23.22 16.96
N GLN B 129 -21.63 -22.42 17.77
CA GLN B 129 -21.02 -21.23 18.35
C GLN B 129 -20.05 -21.59 19.46
N PHE B 130 -18.85 -21.01 19.41
CA PHE B 130 -17.86 -21.21 20.45
C PHE B 130 -18.29 -20.53 21.74
N GLN B 131 -18.37 -21.30 22.82
CA GLN B 131 -18.76 -20.79 24.13
C GLN B 131 -17.54 -20.70 25.02
N TYR B 132 -17.36 -19.56 25.67
CA TYR B 132 -16.29 -19.38 26.65
C TYR B 132 -16.95 -19.07 27.98
N ASN B 133 -16.75 -19.94 28.97
CA ASN B 133 -17.43 -19.83 30.25
C ASN B 133 -18.94 -19.68 30.09
N GLY B 134 -19.53 -20.43 29.17
CA GLY B 134 -20.96 -20.41 28.95
C GLY B 134 -21.49 -19.22 28.18
N ALA B 135 -20.62 -18.35 27.67
CA ALA B 135 -21.03 -17.18 26.92
C ALA B 135 -20.46 -17.24 25.51
N ALA B 136 -21.19 -16.66 24.56
CA ALA B 136 -20.80 -16.73 23.15
C ALA B 136 -19.66 -15.75 22.88
N LEU B 137 -18.49 -16.27 22.49
CA LEU B 137 -17.36 -15.39 22.19
C LEU B 137 -17.68 -14.58 20.95
N VAL B 138 -17.32 -13.30 20.98
CA VAL B 138 -17.41 -12.43 19.81
C VAL B 138 -16.19 -11.51 19.82
N SER B 139 -15.74 -11.12 18.64
CA SER B 139 -14.53 -10.32 18.53
C SER B 139 -14.67 -9.37 17.35
N THR B 140 -13.58 -8.65 17.06
CA THR B 140 -13.56 -7.66 15.98
C THR B 140 -12.17 -7.60 15.39
N PHE B 141 -12.08 -6.95 14.24
CA PHE B 141 -10.87 -6.28 13.79
C PHE B 141 -11.17 -4.79 13.85
N VAL B 142 -10.28 -4.04 14.50
CA VAL B 142 -10.52 -2.66 14.95
C VAL B 142 -11.88 -2.54 15.63
N GLY B 143 -12.55 -1.39 15.52
CA GLY B 143 -13.80 -1.22 16.24
C GLY B 143 -13.67 -0.90 17.71
N ASP B 144 -12.61 -0.18 18.10
CA ASP B 144 -12.32 0.09 19.50
C ASP B 144 -13.48 0.75 20.23
N SER B 145 -14.23 1.60 19.55
CA SER B 145 -15.29 2.38 20.17
C SER B 145 -16.66 1.75 20.03
N PHE B 146 -16.77 0.57 19.41
CA PHE B 146 -18.08 -0.05 19.27
C PHE B 146 -18.58 -0.57 20.61
N ASP B 147 -19.79 -0.16 20.97
CA ASP B 147 -20.39 -0.44 22.28
C ASP B 147 -21.13 -1.77 22.23
N TRP B 148 -20.63 -2.76 22.99
CA TRP B 148 -21.28 -4.06 23.08
C TRP B 148 -22.46 -4.08 24.06
N GLY B 149 -22.63 -3.04 24.87
CA GLY B 149 -23.72 -2.98 25.83
C GLY B 149 -25.10 -3.22 25.22
N PRO B 150 -25.46 -2.43 24.20
CA PRO B 150 -26.78 -2.63 23.58
C PRO B 150 -26.98 -4.01 22.98
N VAL B 151 -25.91 -4.60 22.42
CA VAL B 151 -26.00 -5.94 21.87
C VAL B 151 -26.25 -6.95 22.97
N LYS B 152 -25.46 -6.87 24.04
CA LYS B 152 -25.59 -7.81 25.16
C LYS B 152 -26.96 -7.70 25.81
N ARG B 153 -27.46 -6.47 25.96
CA ARG B 153 -28.74 -6.30 26.64
C ARG B 153 -29.89 -6.86 25.81
N ALA B 154 -29.78 -6.86 24.49
CA ALA B 154 -30.85 -7.29 23.60
C ALA B 154 -30.81 -8.78 23.26
N VAL B 155 -29.70 -9.46 23.51
CA VAL B 155 -29.56 -10.89 23.21
C VAL B 155 -29.69 -11.66 24.52
N ASP B 156 -30.59 -12.64 24.54
CA ASP B 156 -30.84 -13.38 25.78
C ASP B 156 -29.61 -14.15 26.21
N HIS B 157 -29.00 -14.89 25.29
CA HIS B 157 -27.86 -15.71 25.65
C HIS B 157 -26.66 -14.82 25.95
N PRO B 158 -25.89 -15.12 26.99
CA PRO B 158 -24.73 -14.27 27.32
C PRO B 158 -23.70 -14.25 26.21
N ILE B 159 -23.03 -13.10 26.10
CA ILE B 159 -22.02 -12.83 25.09
C ILE B 159 -20.73 -12.44 25.81
N PHE B 160 -19.61 -12.94 25.30
CA PHE B 160 -18.29 -12.68 25.86
C PHE B 160 -17.52 -11.90 24.80
N ALA B 161 -17.43 -10.58 24.98
CA ALA B 161 -16.93 -9.70 23.93
C ALA B 161 -15.44 -9.46 24.13
N VAL B 162 -14.63 -9.82 23.13
CA VAL B 162 -13.19 -9.67 23.20
C VAL B 162 -12.73 -8.95 21.93
N PRO B 163 -13.00 -7.64 21.81
CA PRO B 163 -12.68 -6.92 20.57
C PRO B 163 -11.19 -6.69 20.43
N ASN B 164 -10.78 -6.44 19.19
CA ASN B 164 -9.43 -5.99 18.91
C ASN B 164 -9.30 -4.52 19.29
N LEU B 165 -8.41 -4.22 20.25
CA LEU B 165 -8.14 -2.87 20.70
C LEU B 165 -6.70 -2.46 20.36
N GLN B 166 -6.54 -1.21 19.93
N GLN B 166 -6.53 -1.21 19.95
CA GLN B 166 -5.22 -0.69 19.56
CA GLN B 166 -5.21 -0.71 19.59
C GLN B 166 -4.45 -0.16 20.77
C GLN B 166 -4.45 -0.12 20.76
N ASP B 167 -5.14 0.38 21.78
CA ASP B 167 -4.47 1.03 22.90
C ASP B 167 -4.68 0.18 24.14
N PRO B 168 -3.66 -0.51 24.65
CA PRO B 168 -3.85 -1.28 25.88
C PRO B 168 -4.31 -0.46 27.07
N ASN B 169 -4.01 0.85 27.10
CA ASN B 169 -4.49 1.66 28.22
C ASN B 169 -6.00 1.81 28.21
N TRP B 170 -6.60 1.82 27.02
CA TRP B 170 -8.05 1.86 26.90
C TRP B 170 -8.67 0.55 27.34
N ALA B 171 -7.96 -0.55 27.12
CA ALA B 171 -8.50 -1.88 27.39
C ALA B 171 -8.90 -2.06 28.85
N GLY B 172 -8.24 -1.35 29.76
CA GLY B 172 -8.52 -1.55 31.18
C GLY B 172 -9.74 -0.84 31.71
N HIS B 173 -10.20 0.21 31.04
CA HIS B 173 -11.38 0.95 31.52
C HIS B 173 -12.35 1.24 30.38
N ALA B 174 -12.37 0.37 29.36
CA ALA B 174 -13.27 0.59 28.23
C ALA B 174 -14.71 0.68 28.70
N THR B 175 -15.46 1.60 28.11
CA THR B 175 -16.85 1.83 28.47
C THR B 175 -17.82 1.03 27.60
N THR B 176 -17.28 0.11 26.80
CA THR B 176 -18.00 -0.58 25.74
C THR B 176 -18.47 -1.98 26.15
N SER B 177 -18.43 -2.30 27.45
CA SER B 177 -18.94 -3.59 27.97
C SER B 177 -18.14 -4.78 27.45
N ILE B 178 -16.82 -4.71 27.57
CA ILE B 178 -15.96 -5.77 27.07
C ILE B 178 -15.60 -6.72 28.21
N ASP B 179 -15.31 -7.96 27.83
CA ASP B 179 -14.88 -9.01 28.75
C ASP B 179 -13.40 -9.32 28.64
N GLY B 180 -12.74 -8.72 27.64
CA GLY B 180 -11.31 -8.88 27.46
C GLY B 180 -10.91 -8.13 26.21
N ALA B 181 -9.64 -8.26 25.83
CA ALA B 181 -9.15 -7.57 24.65
C ALA B 181 -8.27 -8.50 23.83
N PHE B 182 -8.31 -8.30 22.52
CA PHE B 182 -7.52 -9.04 21.54
C PHE B 182 -6.52 -8.07 20.92
N SER B 183 -5.23 -8.44 20.95
CA SER B 183 -4.18 -7.62 20.37
C SER B 183 -3.87 -8.05 18.93
N TRP B 184 -3.67 -7.07 18.05
CA TRP B 184 -3.18 -7.30 16.70
C TRP B 184 -1.68 -7.03 16.57
N TYR B 185 -0.99 -6.89 17.69
CA TYR B 185 0.46 -6.65 17.68
C TYR B 185 1.19 -7.99 17.61
N ALA B 186 1.07 -8.63 16.45
CA ALA B 186 1.59 -9.97 16.27
C ALA B 186 3.01 -9.99 15.72
N TRP B 187 3.58 -8.84 15.37
CA TRP B 187 4.87 -8.74 14.73
C TRP B 187 5.63 -7.61 15.42
N PRO B 188 6.95 -7.48 15.22
CA PRO B 188 7.68 -6.37 15.85
C PRO B 188 7.23 -5.04 15.28
N THR B 189 6.77 -4.14 16.16
CA THR B 189 6.22 -2.86 15.72
C THR B 189 6.14 -1.90 16.90
N ASP B 190 6.25 -0.61 16.60
CA ASP B 190 6.04 0.43 17.61
C ASP B 190 4.63 1.00 17.56
N GLY B 191 3.74 0.40 16.79
CA GLY B 191 2.39 0.89 16.62
C GLY B 191 2.22 1.64 15.30
N GLY B 192 0.97 1.80 14.90
CA GLY B 192 0.68 2.50 13.65
C GLY B 192 1.25 1.84 12.42
N ASN B 193 1.55 0.53 12.48
CA ASN B 193 2.20 -0.21 11.41
C ASN B 193 3.67 0.17 11.21
N SER B 194 4.28 0.82 12.18
CA SER B 194 5.72 1.07 12.11
C SER B 194 6.50 -0.24 12.09
N ILE B 195 7.60 -0.26 11.35
CA ILE B 195 8.41 -1.45 11.13
C ILE B 195 9.71 -1.31 11.91
N ILE B 196 10.01 -2.31 12.74
CA ILE B 196 11.24 -2.33 13.53
C ILE B 196 11.93 -3.68 13.38
N LYS B 197 13.22 -3.69 13.70
CA LYS B 197 13.98 -4.93 13.70
C LYS B 197 13.43 -5.88 14.76
N GLY B 198 13.56 -7.17 14.50
CA GLY B 198 13.26 -8.16 15.52
C GLY B 198 14.46 -8.41 16.41
N PRO B 199 14.42 -9.51 17.18
CA PRO B 199 13.35 -10.51 17.19
C PRO B 199 12.11 -10.00 17.93
N MET B 200 11.00 -10.71 17.72
CA MET B 200 9.79 -10.40 18.44
C MET B 200 9.98 -10.45 19.95
N THR B 201 9.45 -9.44 20.64
CA THR B 201 9.38 -9.44 22.10
C THR B 201 7.92 -9.40 22.54
N THR B 202 7.70 -9.56 23.85
CA THR B 202 6.37 -9.50 24.42
C THR B 202 6.00 -8.11 24.92
N ILE B 203 6.64 -7.06 24.39
CA ILE B 203 6.43 -5.70 24.91
C ILE B 203 4.95 -5.31 24.89
N TRP B 204 4.25 -5.58 23.79
CA TRP B 204 2.83 -5.22 23.72
C TRP B 204 1.98 -6.18 24.55
N ASP B 205 2.34 -7.46 24.58
CA ASP B 205 1.59 -8.42 25.38
C ASP B 205 1.57 -8.00 26.84
N ASP B 206 2.71 -7.55 27.35
CA ASP B 206 2.80 -7.14 28.75
C ASP B 206 1.91 -5.93 29.02
N ARG B 207 1.85 -5.00 28.07
CA ARG B 207 0.98 -3.84 28.22
C ARG B 207 -0.48 -4.23 28.31
N PHE B 208 -0.92 -5.16 27.45
CA PHE B 208 -2.31 -5.60 27.53
C PHE B 208 -2.57 -6.35 28.83
N ARG B 209 -1.66 -7.24 29.22
CA ARG B 209 -1.90 -8.03 30.42
C ARG B 209 -1.93 -7.15 31.67
N ASN B 210 -1.06 -6.14 31.72
CA ASN B 210 -1.05 -5.22 32.86
C ASN B 210 -2.35 -4.43 32.97
N ASN B 211 -3.02 -4.18 31.85
CA ASN B 211 -4.29 -3.45 31.84
C ASN B 211 -5.51 -4.37 31.90
N LEU B 212 -5.33 -5.68 31.85
CA LEU B 212 -6.43 -6.64 31.77
C LEU B 212 -6.46 -7.64 32.93
N LYS B 213 -5.91 -7.30 34.08
CA LYS B 213 -5.94 -8.27 35.17
C LYS B 213 -7.38 -8.58 35.59
N ASP B 214 -7.68 -9.89 35.67
CA ASP B 214 -9.03 -10.44 35.84
C ASP B 214 -9.93 -10.39 34.61
N LYS B 215 -9.61 -9.56 33.61
CA LYS B 215 -10.22 -9.74 32.30
C LYS B 215 -9.36 -10.69 31.47
N VAL B 216 -9.87 -11.03 30.30
CA VAL B 216 -9.25 -12.04 29.44
C VAL B 216 -8.36 -11.33 28.43
N TYR B 217 -7.19 -11.91 28.15
CA TYR B 217 -6.32 -11.46 27.07
C TYR B 217 -6.28 -12.53 25.99
N MET B 218 -6.61 -12.15 24.75
CA MET B 218 -6.42 -13.01 23.58
C MET B 218 -5.17 -12.56 22.85
N ALA B 219 -4.11 -13.39 22.92
CA ALA B 219 -2.82 -13.07 22.33
C ALA B 219 -2.78 -13.51 20.87
N PRO B 220 -2.20 -12.68 20.00
CA PRO B 220 -2.05 -13.07 18.60
C PRO B 220 -0.79 -13.90 18.36
N VAL B 221 -0.94 -14.89 17.48
CA VAL B 221 0.20 -15.69 17.00
C VAL B 221 0.18 -15.66 15.48
N SER B 222 1.22 -15.09 14.88
CA SER B 222 1.36 -15.03 13.43
C SER B 222 2.74 -15.48 13.02
N PRO B 223 2.88 -16.23 11.90
CA PRO B 223 4.21 -16.67 11.47
C PRO B 223 5.02 -15.67 10.66
N TRP B 224 4.37 -14.73 9.98
CA TRP B 224 5.03 -13.97 8.92
C TRP B 224 4.18 -12.75 8.58
N PHE B 225 4.74 -11.83 7.81
CA PHE B 225 3.92 -10.75 7.27
C PHE B 225 4.57 -10.22 6.01
N SER B 226 3.88 -10.30 4.89
CA SER B 226 4.35 -9.69 3.65
C SER B 226 3.13 -9.40 2.79
N THR B 227 2.98 -8.14 2.37
CA THR B 227 1.81 -7.83 1.56
C THR B 227 2.28 -6.92 0.43
N HIS B 228 1.57 -6.95 -0.71
CA HIS B 228 2.11 -6.30 -1.93
C HIS B 228 0.97 -5.81 -2.82
N PHE B 229 0.30 -4.74 -2.37
CA PHE B 229 -0.83 -4.11 -3.04
C PHE B 229 -0.61 -2.59 -2.99
N ASN B 230 -1.38 -1.84 -3.79
CA ASN B 230 -1.34 -0.38 -3.67
C ASN B 230 -1.65 0.06 -2.25
N THR B 231 -2.62 -0.58 -1.60
CA THR B 231 -3.09 -0.16 -0.29
C THR B 231 -2.20 -0.60 0.86
N LYS B 232 -1.28 -1.55 0.61
CA LYS B 232 -0.42 -2.08 1.68
C LYS B 232 0.74 -2.81 1.02
N ASN B 233 1.95 -2.32 1.22
CA ASN B 233 3.11 -2.87 0.52
C ASN B 233 4.29 -2.82 1.48
N TRP B 234 4.35 -3.80 2.38
CA TRP B 234 5.42 -3.83 3.39
C TRP B 234 5.59 -5.23 3.96
N VAL B 235 6.72 -5.41 4.65
CA VAL B 235 6.99 -6.60 5.46
C VAL B 235 7.17 -6.16 6.91
N PHE B 236 6.79 -7.03 7.85
CA PHE B 236 7.34 -6.94 9.19
C PHE B 236 8.51 -7.92 9.30
N ILE B 237 9.34 -7.71 10.30
CA ILE B 237 10.60 -8.45 10.41
C ILE B 237 10.35 -9.63 11.34
N CYS B 238 10.08 -10.79 10.73
CA CYS B 238 9.53 -11.94 11.43
C CYS B 238 10.59 -13.02 11.65
N GLU B 239 11.11 -13.60 10.57
CA GLU B 239 12.31 -14.43 10.61
C GLU B 239 12.08 -15.75 11.33
N ASP B 240 12.51 -15.87 12.61
CA ASP B 240 12.25 -17.09 13.39
C ASP B 240 10.86 -17.11 14.02
N LEU B 241 10.05 -16.08 13.79
CA LEU B 241 8.72 -15.95 14.38
C LEU B 241 7.84 -17.21 14.30
N PRO B 242 7.80 -17.98 13.21
CA PRO B 242 6.91 -19.16 13.17
C PRO B 242 7.16 -20.13 14.32
N HIS B 243 8.35 -20.13 14.90
CA HIS B 243 8.62 -20.94 16.08
C HIS B 243 8.66 -20.10 17.36
N LEU B 244 9.39 -18.98 17.32
CA LEU B 244 9.62 -18.19 18.52
C LEU B 244 8.31 -17.77 19.18
N ARG B 245 7.30 -17.40 18.39
CA ARG B 245 6.07 -16.90 19.01
C ARG B 245 5.40 -17.97 19.85
N TRP B 246 5.44 -19.22 19.41
CA TRP B 246 4.82 -20.29 20.18
C TRP B 246 5.56 -20.53 21.49
N GLN B 247 6.89 -20.37 21.48
CA GLN B 247 7.63 -20.44 22.75
C GLN B 247 7.18 -19.36 23.71
N GLN B 248 6.96 -18.15 23.20
CA GLN B 248 6.47 -17.08 24.05
C GLN B 248 5.12 -17.43 24.64
N MET B 249 4.28 -18.18 23.90
CA MET B 249 2.96 -18.49 24.44
C MET B 249 3.05 -19.42 25.63
N LEU B 250 3.97 -20.38 25.63
CA LEU B 250 4.07 -21.30 26.75
C LEU B 250 4.48 -20.59 28.03
N GLU B 251 5.29 -19.52 27.92
CA GLU B 251 5.69 -18.77 29.11
C GLU B 251 4.62 -17.77 29.54
N MET B 252 3.93 -17.15 28.57
CA MET B 252 2.89 -16.15 28.81
C MET B 252 1.60 -16.73 29.38
N GLN B 253 1.14 -17.85 28.85
CA GLN B 253 -0.12 -18.46 29.23
C GLN B 253 -1.31 -17.50 29.15
N PRO B 254 -1.54 -16.87 28.00
CA PRO B 254 -2.72 -16.02 27.86
C PRO B 254 -3.99 -16.85 27.99
N GLU B 255 -5.11 -16.18 28.31
CA GLU B 255 -6.36 -16.90 28.43
C GLU B 255 -6.82 -17.50 27.11
N LEU B 256 -6.49 -16.85 26.00
CA LEU B 256 -6.90 -17.30 24.68
C LEU B 256 -5.80 -16.92 23.70
N ILE B 257 -5.77 -17.62 22.56
CA ILE B 257 -4.86 -17.33 21.46
C ILE B 257 -5.67 -17.25 20.18
N GLU B 258 -5.35 -16.29 19.32
CA GLU B 258 -5.86 -16.29 17.95
C GLU B 258 -4.69 -16.30 16.97
N ILE B 259 -4.66 -17.31 16.13
CA ILE B 259 -3.65 -17.40 15.06
C ILE B 259 -4.05 -16.48 13.92
N ILE B 260 -3.13 -15.59 13.53
CA ILE B 260 -3.29 -14.73 12.37
C ILE B 260 -2.34 -15.29 11.33
N SER B 261 -2.82 -16.09 10.38
CA SER B 261 -4.24 -16.35 10.09
C SER B 261 -4.37 -17.76 9.49
N TRP B 262 -5.62 -18.19 9.29
CA TRP B 262 -5.82 -19.41 8.51
C TRP B 262 -5.58 -19.18 7.02
N ASN B 263 -6.16 -18.10 6.46
CA ASN B 263 -6.23 -18.01 5.00
C ASN B 263 -6.08 -16.57 4.47
N ASP B 264 -5.39 -15.67 5.19
CA ASP B 264 -5.19 -14.33 4.61
C ASP B 264 -3.98 -14.38 3.68
N TYR B 265 -4.23 -14.88 2.46
CA TYR B 265 -3.14 -15.02 1.50
C TYR B 265 -2.48 -13.69 1.20
N GLY B 266 -3.26 -12.61 1.11
CA GLY B 266 -2.71 -11.32 0.75
C GLY B 266 -1.71 -10.75 1.74
N GLU B 267 -1.68 -11.25 2.98
CA GLU B 267 -0.70 -10.78 3.96
C GLU B 267 0.36 -11.83 4.31
N SER B 268 0.31 -12.99 3.65
CA SER B 268 1.30 -14.06 3.75
C SER B 268 1.40 -14.72 5.11
N HIS B 269 0.45 -14.48 6.03
CA HIS B 269 0.48 -15.14 7.33
C HIS B 269 -0.43 -16.36 7.42
N TYR B 270 -1.00 -16.81 6.30
CA TYR B 270 -1.81 -18.01 6.30
C TYR B 270 -1.00 -19.23 6.74
N ILE B 271 -1.60 -20.05 7.61
CA ILE B 271 -1.08 -21.37 7.93
C ILE B 271 -1.96 -22.49 7.41
N GLY B 272 -3.15 -22.16 6.89
CA GLY B 272 -4.01 -23.15 6.28
C GLY B 272 -3.61 -23.43 4.85
N PRO B 273 -4.34 -24.35 4.22
CA PRO B 273 -4.06 -24.69 2.83
C PRO B 273 -4.47 -23.56 1.90
N TYR B 274 -3.92 -23.59 0.70
CA TYR B 274 -4.35 -22.72 -0.39
C TYR B 274 -5.61 -23.33 -1.00
N SER B 275 -6.77 -22.73 -0.73
CA SER B 275 -8.03 -23.37 -1.08
C SER B 275 -8.38 -23.12 -2.54
N GLU B 276 -8.98 -24.12 -3.18
CA GLU B 276 -9.41 -23.95 -4.57
C GLU B 276 -10.57 -22.97 -4.68
N ALA B 277 -11.40 -22.85 -3.63
CA ALA B 277 -12.67 -22.14 -3.74
C ALA B 277 -12.61 -20.67 -3.35
N HIS B 278 -11.52 -20.19 -2.74
CA HIS B 278 -11.46 -18.78 -2.39
C HIS B 278 -11.30 -17.91 -3.63
N SER B 279 -11.66 -16.63 -3.47
CA SER B 279 -11.58 -15.65 -4.55
C SER B 279 -10.22 -14.95 -4.49
N ASP B 280 -9.46 -15.05 -5.59
CA ASP B 280 -8.16 -14.39 -5.68
C ASP B 280 -8.33 -12.87 -5.67
N ASP B 281 -7.55 -12.19 -4.82
CA ASP B 281 -7.53 -10.74 -4.78
C ASP B 281 -6.29 -10.13 -5.44
N GLY B 282 -5.51 -10.94 -6.16
CA GLY B 282 -4.22 -10.58 -6.68
C GLY B 282 -3.09 -11.27 -5.96
N SER B 283 -3.35 -11.77 -4.76
CA SER B 283 -2.31 -12.44 -3.99
C SER B 283 -1.92 -13.80 -4.53
N ALA B 284 -2.68 -14.38 -5.47
CA ALA B 284 -2.28 -15.66 -6.04
C ALA B 284 -0.86 -15.60 -6.59
N GLN B 285 -0.45 -14.43 -7.09
N GLN B 285 -0.42 -14.41 -7.03
CA GLN B 285 0.90 -14.28 -7.63
CA GLN B 285 0.89 -14.22 -7.64
C GLN B 285 1.95 -14.79 -6.65
C GLN B 285 2.05 -14.56 -6.70
N TRP B 286 1.88 -14.34 -5.39
CA TRP B 286 2.91 -14.68 -4.42
C TRP B 286 2.51 -15.80 -3.46
N THR B 287 1.37 -16.45 -3.67
CA THR B 287 0.90 -17.47 -2.72
C THR B 287 0.53 -18.81 -3.35
N LYS B 288 0.09 -18.83 -4.62
CA LYS B 288 -0.40 -20.07 -5.21
C LYS B 288 0.63 -21.20 -5.13
N ASP B 289 1.89 -20.90 -5.41
CA ASP B 289 2.96 -21.90 -5.35
C ASP B 289 3.75 -21.86 -4.05
N PHE B 290 3.21 -21.26 -3.00
CA PHE B 290 3.91 -21.06 -1.73
C PHE B 290 3.10 -21.68 -0.60
N PRO B 291 3.17 -23.01 -0.45
CA PRO B 291 2.46 -23.65 0.66
C PRO B 291 3.04 -23.21 1.99
N HIS B 292 2.15 -23.06 2.97
CA HIS B 292 2.50 -22.77 4.35
C HIS B 292 2.04 -23.85 5.30
N ASP B 293 1.48 -24.95 4.79
CA ASP B 293 0.90 -25.98 5.66
C ASP B 293 1.88 -26.51 6.68
N ALA B 294 3.17 -26.61 6.32
CA ALA B 294 4.15 -27.20 7.24
C ALA B 294 4.30 -26.39 8.52
N TRP B 295 3.91 -25.11 8.54
CA TRP B 295 3.95 -24.38 9.80
C TRP B 295 2.99 -24.96 10.84
N ARG B 296 1.96 -25.70 10.39
CA ARG B 296 1.09 -26.38 11.35
C ARG B 296 1.81 -27.50 12.10
N ILE B 297 2.90 -28.03 11.56
CA ILE B 297 3.70 -29.04 12.25
C ILE B 297 4.36 -28.44 13.49
N ILE B 298 4.79 -27.18 13.41
CA ILE B 298 5.31 -26.50 14.59
C ILE B 298 4.18 -26.18 15.56
N ALA B 299 3.06 -25.70 15.04
CA ALA B 299 1.99 -25.22 15.91
C ALA B 299 1.39 -26.34 16.75
N LYS B 300 1.22 -27.53 16.17
CA LYS B 300 0.47 -28.60 16.83
C LYS B 300 0.99 -28.97 18.22
N PRO B 301 2.28 -29.31 18.40
CA PRO B 301 2.75 -29.61 19.77
C PRO B 301 2.71 -28.41 20.71
N TYR B 302 2.88 -27.18 20.20
CA TYR B 302 2.82 -26.01 21.07
C TYR B 302 1.39 -25.74 21.52
N ILE B 303 0.43 -25.96 20.63
CA ILE B 303 -0.99 -25.83 21.01
C ILE B 303 -1.32 -26.79 22.14
N ALA B 304 -0.89 -28.05 22.01
CA ALA B 304 -1.16 -29.05 23.04
C ALA B 304 -0.51 -28.66 24.37
N ALA B 305 0.74 -28.20 24.34
CA ALA B 305 1.40 -27.79 25.58
C ALA B 305 0.73 -26.57 26.18
N TYR B 306 0.30 -25.64 25.35
CA TYR B 306 -0.37 -24.45 25.85
C TYR B 306 -1.64 -24.80 26.60
N LYS B 307 -2.47 -25.68 26.02
CA LYS B 307 -3.72 -26.06 26.68
C LYS B 307 -3.44 -26.81 27.98
N ALA B 308 -2.36 -27.57 28.04
CA ALA B 308 -2.03 -28.34 29.22
C ALA B 308 -1.27 -27.54 30.27
N GLY B 309 -0.96 -26.27 30.01
CA GLY B 309 -0.18 -25.50 30.94
C GLY B 309 1.27 -25.93 31.05
N GLU B 310 1.79 -26.62 30.04
CA GLU B 310 3.17 -27.10 30.09
C GLU B 310 4.13 -26.04 29.54
N ARG B 311 5.36 -26.07 30.07
CA ARG B 311 6.35 -25.07 29.71
C ARG B 311 7.16 -25.44 28.48
N GLU B 312 7.11 -26.69 28.04
CA GLU B 312 7.85 -27.18 26.88
C GLU B 312 6.95 -28.09 26.07
N PRO B 313 7.13 -28.10 24.75
CA PRO B 313 6.37 -29.04 23.92
C PRO B 313 6.91 -30.46 24.08
N THR B 314 6.09 -31.41 23.69
CA THR B 314 6.49 -32.81 23.61
C THR B 314 6.64 -33.20 22.15
N VAL B 315 7.79 -33.74 21.79
CA VAL B 315 8.04 -34.17 20.42
C VAL B 315 7.66 -35.63 20.29
N GLU B 316 6.73 -35.92 19.38
CA GLU B 316 6.24 -37.28 19.19
C GLU B 316 7.07 -38.08 18.19
N SER B 317 7.61 -37.45 17.17
CA SER B 317 8.45 -38.12 16.18
C SER B 317 9.41 -37.08 15.61
N ASP B 318 10.43 -37.56 14.90
CA ASP B 318 11.39 -36.67 14.28
C ASP B 318 10.79 -36.00 13.04
N GLN B 319 10.83 -34.66 12.99
CA GLN B 319 10.38 -33.90 11.83
C GLN B 319 11.24 -32.66 11.70
N LEU B 320 11.15 -32.02 10.54
CA LEU B 320 11.84 -30.77 10.25
C LEU B 320 10.92 -29.90 9.42
N VAL B 321 10.90 -28.61 9.74
CA VAL B 321 10.16 -27.61 8.97
C VAL B 321 11.15 -26.54 8.52
N TYR B 322 11.09 -26.15 7.24
CA TYR B 322 11.99 -25.14 6.71
C TYR B 322 11.21 -24.05 6.00
N TRP B 323 11.79 -22.85 5.97
CA TRP B 323 11.19 -21.78 5.19
C TRP B 323 12.24 -20.79 4.71
N TYR B 324 11.96 -20.16 3.56
CA TYR B 324 12.87 -19.17 3.00
C TYR B 324 12.14 -18.37 1.94
N ARG B 325 12.61 -17.13 1.75
CA ARG B 325 12.10 -16.28 0.67
C ARG B 325 12.63 -16.73 -0.68
N PRO B 326 11.97 -16.33 -1.77
CA PRO B 326 12.34 -16.84 -3.09
C PRO B 326 13.58 -16.20 -3.70
N THR B 327 14.01 -15.04 -3.21
CA THR B 327 15.15 -14.32 -3.77
C THR B 327 15.93 -13.65 -2.65
N PRO B 328 17.20 -13.32 -2.90
CA PRO B 328 17.89 -12.38 -1.99
C PRO B 328 17.14 -11.05 -1.94
N LYS B 329 17.22 -10.37 -0.79
CA LYS B 329 16.45 -9.15 -0.57
C LYS B 329 16.88 -8.00 -1.47
N ALA B 330 18.07 -8.06 -2.07
CA ALA B 330 18.55 -6.95 -2.89
C ALA B 330 18.18 -7.08 -4.35
N VAL B 331 17.43 -8.11 -4.75
CA VAL B 331 17.05 -8.25 -6.15
C VAL B 331 16.23 -7.05 -6.59
N THR B 332 16.48 -6.58 -7.80
CA THR B 332 15.77 -5.45 -8.38
C THR B 332 14.69 -5.94 -9.34
N CYS B 333 13.47 -5.40 -9.22
CA CYS B 333 12.35 -5.73 -10.09
C CYS B 333 11.84 -4.41 -10.66
N SER B 334 12.49 -3.92 -11.71
CA SER B 334 12.16 -2.60 -12.22
C SER B 334 10.78 -2.55 -12.87
N LYS B 335 10.22 -3.68 -13.29
CA LYS B 335 8.92 -3.68 -13.96
C LYS B 335 7.75 -3.62 -12.98
N ASP B 336 7.99 -3.82 -11.68
CA ASP B 336 6.89 -3.94 -10.73
C ASP B 336 6.46 -2.54 -10.31
N PRO B 337 5.28 -2.06 -10.72
CA PRO B 337 4.94 -0.65 -10.46
C PRO B 337 4.64 -0.34 -9.01
N LEU B 338 4.54 -1.34 -8.14
CA LEU B 338 4.37 -1.05 -6.72
C LEU B 338 5.69 -0.72 -6.04
N GLY B 339 6.81 -1.09 -6.65
CA GLY B 339 8.10 -0.88 -6.04
C GLY B 339 8.35 -1.85 -4.90
N PRO B 340 9.54 -1.78 -4.32
CA PRO B 340 9.89 -2.71 -3.26
C PRO B 340 9.04 -2.47 -2.03
N PRO B 341 8.70 -3.53 -1.30
CA PRO B 341 7.95 -3.34 -0.04
C PRO B 341 8.79 -2.58 0.97
N ASN B 342 8.12 -1.76 1.78
CA ASN B 342 8.79 -1.09 2.88
C ASN B 342 9.27 -2.12 3.88
N GLY B 343 10.46 -1.89 4.45
CA GLY B 343 10.99 -2.72 5.51
C GLY B 343 12.01 -3.76 5.08
N ILE B 344 12.13 -4.04 3.78
CA ILE B 344 12.93 -5.20 3.35
C ILE B 344 14.41 -5.09 3.73
N ASN B 345 14.93 -3.87 3.90
CA ASN B 345 16.34 -3.75 4.26
C ASN B 345 16.67 -4.35 5.62
N LEU B 346 15.66 -4.55 6.47
CA LEU B 346 15.86 -5.11 7.81
C LEU B 346 15.79 -6.63 7.84
N LEU B 347 15.44 -7.27 6.74
CA LEU B 347 15.42 -8.72 6.63
C LEU B 347 16.83 -9.25 6.47
N GLU B 348 17.01 -10.54 6.76
CA GLU B 348 18.24 -11.24 6.44
C GLU B 348 18.00 -12.23 5.31
N ASP B 349 19.02 -12.43 4.47
CA ASP B 349 18.98 -13.46 3.45
C ASP B 349 19.34 -14.77 4.12
N SER B 350 18.32 -15.48 4.61
CA SER B 350 18.51 -16.64 5.46
C SER B 350 17.51 -17.74 5.13
N VAL B 351 17.95 -18.98 5.35
CA VAL B 351 17.10 -20.16 5.33
C VAL B 351 16.85 -20.56 6.79
N PHE B 352 15.59 -20.77 7.15
CA PHE B 352 15.20 -21.08 8.52
C PHE B 352 14.82 -22.54 8.63
N VAL B 353 15.29 -23.20 9.69
CA VAL B 353 14.99 -24.62 9.90
C VAL B 353 14.60 -24.83 11.34
N THR B 354 13.39 -25.36 11.57
CA THR B 354 12.98 -25.81 12.89
C THR B 354 13.03 -27.33 12.90
N THR B 355 13.86 -27.90 13.77
CA THR B 355 13.90 -29.34 13.97
C THR B 355 13.03 -29.71 15.16
N LEU B 356 12.32 -30.84 15.04
CA LEU B 356 11.48 -31.37 16.11
C LEU B 356 12.03 -32.77 16.34
N LEU B 357 12.80 -32.96 17.40
CA LEU B 357 13.60 -34.19 17.51
C LEU B 357 13.36 -34.90 18.84
N THR B 358 13.31 -36.24 18.77
CA THR B 358 13.17 -37.06 19.97
C THR B 358 14.49 -37.23 20.71
N GLU B 359 15.61 -37.08 20.02
CA GLU B 359 16.96 -37.23 20.53
C GLU B 359 17.84 -36.23 19.79
N PRO B 360 18.97 -35.83 20.37
CA PRO B 360 19.89 -34.95 19.64
C PRO B 360 20.31 -35.54 18.30
N ALA B 361 20.69 -34.66 17.38
CA ALA B 361 21.09 -35.07 16.04
C ALA B 361 21.96 -33.97 15.44
N THR B 362 22.35 -34.16 14.18
CA THR B 362 23.15 -33.18 13.45
C THR B 362 22.38 -32.72 12.23
N LEU B 363 22.23 -31.41 12.07
CA LEU B 363 21.52 -30.81 10.95
C LEU B 363 22.54 -30.28 9.95
N THR B 364 22.37 -30.66 8.69
N THR B 364 22.39 -30.68 8.69
CA THR B 364 23.19 -30.16 7.59
CA THR B 364 23.20 -30.14 7.60
C THR B 364 22.28 -29.49 6.58
C THR B 364 22.29 -29.49 6.57
N VAL B 365 22.67 -28.31 6.11
CA VAL B 365 21.86 -27.52 5.20
C VAL B 365 22.73 -27.12 4.01
N GLY B 366 22.22 -27.36 2.81
CA GLY B 366 22.81 -26.83 1.58
C GLY B 366 21.94 -25.70 1.05
N SER B 367 22.56 -24.56 0.81
CA SER B 367 21.84 -23.42 0.24
C SER B 367 22.67 -22.89 -0.92
N GLY B 368 22.25 -23.22 -2.14
CA GLY B 368 23.07 -22.89 -3.29
C GLY B 368 24.36 -23.66 -3.21
N SER B 369 25.48 -22.95 -3.32
CA SER B 369 26.79 -23.56 -3.23
C SER B 369 27.30 -23.68 -1.80
N LEU B 370 26.60 -23.12 -0.81
CA LEU B 370 27.03 -23.12 0.58
C LEU B 370 26.47 -24.33 1.33
N GLU B 371 27.23 -24.80 2.32
CA GLU B 371 26.84 -25.93 3.16
C GLU B 371 27.18 -25.63 4.61
N PHE B 372 26.29 -26.02 5.52
CA PHE B 372 26.40 -25.71 6.93
C PHE B 372 26.09 -26.96 7.72
N SER B 373 26.64 -27.04 8.93
CA SER B 373 26.32 -28.13 9.83
C SER B 373 26.27 -27.58 11.25
N VAL B 374 25.28 -28.04 12.01
CA VAL B 374 25.16 -27.67 13.42
C VAL B 374 24.54 -28.83 14.20
N ASP B 375 25.06 -29.07 15.40
CA ASP B 375 24.43 -30.04 16.28
C ASP B 375 23.15 -29.44 16.87
N VAL B 376 22.12 -30.27 16.98
CA VAL B 376 20.81 -29.82 17.44
C VAL B 376 20.37 -30.68 18.61
N ASP B 377 19.90 -30.05 19.67
N ASP B 377 19.89 -30.04 19.67
CA ASP B 377 19.41 -30.79 20.82
CA ASP B 377 19.37 -30.75 20.81
C ASP B 377 18.03 -31.38 20.51
C ASP B 377 18.04 -31.41 20.47
N ALA B 378 17.63 -32.35 21.32
CA ALA B 378 16.26 -32.84 21.29
C ALA B 378 15.32 -31.69 21.66
N GLY B 379 14.05 -31.85 21.31
CA GLY B 379 13.08 -30.79 21.46
C GLY B 379 12.84 -30.08 20.15
N ILE B 380 12.33 -28.86 20.25
CA ILE B 380 12.01 -28.05 19.08
C ILE B 380 12.93 -26.84 19.07
N VAL B 381 13.79 -26.75 18.03
CA VAL B 381 14.87 -25.77 17.97
C VAL B 381 14.89 -25.14 16.59
N THR B 382 15.09 -23.82 16.52
CA THR B 382 15.25 -23.15 15.24
C THR B 382 16.69 -22.68 15.03
N ASN B 383 17.19 -22.92 13.82
CA ASN B 383 18.47 -22.40 13.34
C ASN B 383 18.24 -21.68 12.01
N SER B 384 19.08 -20.69 11.73
CA SER B 384 19.04 -20.05 10.43
C SER B 384 20.43 -19.97 9.82
N PHE B 385 20.48 -19.92 8.50
CA PHE B 385 21.72 -20.08 7.73
C PHE B 385 21.71 -19.12 6.56
N PRO B 386 22.88 -18.64 6.13
CA PRO B 386 22.95 -17.76 4.96
C PRO B 386 22.33 -18.39 3.73
N MET B 387 21.51 -17.61 3.02
N MET B 387 21.55 -17.59 3.00
CA MET B 387 20.85 -18.06 1.81
CA MET B 387 20.85 -18.05 1.81
C MET B 387 21.79 -17.96 0.61
C MET B 387 21.76 -17.95 0.59
N GLY B 388 21.79 -19.01 -0.21
CA GLY B 388 22.48 -18.99 -1.49
C GLY B 388 21.51 -19.26 -2.63
N VAL B 389 21.79 -18.65 -3.79
CA VAL B 389 20.97 -18.86 -4.97
C VAL B 389 21.17 -20.28 -5.49
N GLY B 390 20.07 -20.92 -5.90
CA GLY B 390 20.10 -22.26 -6.44
C GLY B 390 19.30 -23.23 -5.58
N SER B 391 19.71 -24.49 -5.62
CA SER B 391 18.96 -25.54 -4.96
C SER B 391 19.21 -25.53 -3.46
N GLN B 392 18.19 -25.95 -2.72
CA GLN B 392 18.24 -25.99 -1.26
C GLN B 392 18.11 -27.45 -0.84
N ALA B 393 18.87 -27.84 0.19
CA ALA B 393 18.86 -29.21 0.66
C ALA B 393 18.96 -29.28 2.18
N PHE B 394 18.37 -30.32 2.75
CA PHE B 394 18.26 -30.47 4.21
C PHE B 394 18.52 -31.92 4.59
N SER B 395 19.23 -32.13 5.68
CA SER B 395 19.54 -33.47 6.15
C SER B 395 19.72 -33.45 7.65
N VAL B 396 19.11 -34.40 8.35
CA VAL B 396 19.36 -34.63 9.77
C VAL B 396 19.90 -36.04 9.92
N THR B 397 21.04 -36.17 10.58
CA THR B 397 21.69 -37.46 10.79
C THR B 397 21.81 -37.76 12.28
N ARG B 398 21.67 -39.04 12.62
CA ARG B 398 21.82 -39.50 14.00
C ARG B 398 22.34 -40.93 13.95
N ASP B 399 23.37 -41.20 14.75
CA ASP B 399 23.93 -42.54 14.86
C ASP B 399 24.27 -43.13 13.49
N GLY B 400 24.84 -42.32 12.61
CA GLY B 400 25.26 -42.80 11.31
C GLY B 400 24.16 -43.04 10.29
N GLU B 401 22.94 -42.59 10.55
CA GLU B 401 21.85 -42.72 9.59
C GLU B 401 21.25 -41.35 9.29
N GLU B 402 20.82 -41.17 8.04
CA GLU B 402 20.02 -40.00 7.71
C GLU B 402 18.57 -40.27 8.12
N ILE B 403 18.11 -39.57 9.14
CA ILE B 403 16.75 -39.80 9.64
C ILE B 403 15.72 -38.92 8.94
N LEU B 404 16.14 -37.78 8.39
CA LEU B 404 15.24 -36.85 7.70
C LEU B 404 16.04 -36.22 6.57
N GLY B 405 15.38 -35.95 5.45
CA GLY B 405 16.08 -35.16 4.48
C GLY B 405 15.48 -35.12 3.10
N GLY B 406 15.90 -34.12 2.32
CA GLY B 406 15.41 -33.99 0.97
C GLY B 406 15.72 -32.60 0.44
N ASP B 407 15.21 -32.34 -0.75
CA ASP B 407 15.42 -31.06 -1.41
C ASP B 407 14.32 -30.09 -1.00
N GLY B 408 14.69 -28.83 -0.84
CA GLY B 408 13.69 -27.78 -0.74
C GLY B 408 12.82 -27.74 -1.99
N GLY B 409 11.53 -27.44 -1.80
CA GLY B 409 10.61 -27.47 -2.92
C GLY B 409 10.75 -26.33 -3.90
N LEU B 410 11.59 -25.33 -3.61
CA LEU B 410 11.75 -24.17 -4.49
C LEU B 410 13.22 -23.78 -4.55
N ASP B 411 13.75 -23.62 -5.77
CA ASP B 411 15.11 -23.10 -5.91
C ASP B 411 15.06 -21.59 -5.71
N VAL B 412 16.03 -21.05 -4.99
CA VAL B 412 16.14 -19.61 -4.80
C VAL B 412 16.71 -19.02 -6.09
N GLN B 413 16.12 -17.92 -6.55
N GLN B 413 16.12 -17.92 -6.55
CA GLN B 413 16.52 -17.27 -7.79
CA GLN B 413 16.52 -17.26 -7.79
C GLN B 413 17.12 -15.90 -7.51
C GLN B 413 17.12 -15.90 -7.51
N ASP B 414 17.93 -15.41 -8.44
CA ASP B 414 18.49 -14.06 -8.33
C ASP B 414 17.81 -13.07 -9.25
N ARG B 415 16.72 -13.45 -9.89
CA ARG B 415 15.92 -12.55 -10.71
C ARG B 415 14.45 -12.92 -10.53
N CYS B 416 13.57 -11.97 -10.81
CA CYS B 416 12.15 -12.26 -10.85
C CYS B 416 11.43 -11.08 -11.46
N ASP B 417 10.16 -11.28 -11.78
CA ASP B 417 9.38 -10.23 -12.43
C ASP B 417 8.79 -9.25 -11.41
N TYR B 418 8.41 -9.73 -10.24
CA TYR B 418 7.75 -8.91 -9.23
C TYR B 418 8.33 -9.23 -7.87
N TYR B 419 8.23 -8.27 -6.95
CA TYR B 419 8.78 -8.43 -5.60
C TYR B 419 7.90 -9.39 -4.80
N ASN B 420 8.50 -10.48 -4.32
CA ASN B 420 7.80 -11.48 -3.52
C ASN B 420 8.61 -11.69 -2.24
N PHE B 421 8.04 -11.24 -1.12
CA PHE B 421 8.67 -11.39 0.18
C PHE B 421 7.85 -12.30 1.09
N ASN B 422 6.94 -13.07 0.49
CA ASN B 422 6.41 -14.27 1.13
C ASN B 422 7.53 -15.30 1.21
N VAL B 423 7.27 -16.40 1.93
CA VAL B 423 8.19 -17.52 2.02
C VAL B 423 7.54 -18.79 1.51
N TYR B 424 8.41 -19.67 0.98
CA TYR B 424 8.07 -21.07 0.71
C TYR B 424 8.35 -21.85 1.99
N VAL B 425 7.41 -22.72 2.40
CA VAL B 425 7.55 -23.53 3.60
C VAL B 425 7.43 -25.00 3.22
N GLY B 426 8.29 -25.84 3.79
CA GLY B 426 8.18 -27.27 3.57
C GLY B 426 8.59 -28.06 4.79
N SER B 427 8.51 -29.39 4.68
CA SER B 427 8.81 -30.24 5.82
C SER B 427 9.32 -31.60 5.35
N PHE B 428 9.92 -32.32 6.30
CA PHE B 428 10.25 -33.73 6.17
C PHE B 428 9.88 -34.39 7.48
N SER B 429 9.26 -35.56 7.40
CA SER B 429 8.83 -36.27 8.59
C SER B 429 9.41 -37.68 8.53
N ALA B 430 9.86 -38.17 9.67
CA ALA B 430 10.39 -39.53 9.74
C ALA B 430 9.30 -40.50 9.30
C1 GLC C . 16.70 10.82 -5.58
C2 GLC C . 17.93 11.58 -6.07
C3 GLC C . 19.03 11.56 -5.02
C4 GLC C . 18.49 12.10 -3.70
C5 GLC C . 17.24 11.32 -3.30
C6 GLC C . 16.59 11.89 -2.05
O1 GLC C . 17.02 9.43 -5.41
O2 GLC C . 18.41 10.98 -7.27
O3 GLC C . 20.11 12.40 -5.47
O4 GLC C . 19.48 11.97 -2.67
O5 GLC C . 16.26 11.38 -4.35
O6 GLC C . 16.18 13.24 -2.28
C1 GLC D . 6.02 3.75 -6.78
C2 GLC D . 7.24 4.67 -6.89
C3 GLC D . 6.88 6.14 -6.98
C4 GLC D . 5.85 6.34 -8.09
C5 GLC D . 4.65 5.46 -7.78
C6 GLC D . 3.59 5.62 -8.86
O1 GLC D . 5.43 3.86 -5.47
O2 GLC D . 8.10 4.46 -5.76
O3 GLC D . 8.05 6.92 -7.24
O4 GLC D . 5.44 7.72 -8.13
O5 GLC D . 5.04 4.09 -7.76
O6 GLC D . 2.41 4.93 -8.44
C2 BGC E . -4.24 -3.64 7.96
C3 BGC E . -4.37 -5.10 8.41
C4 BGC E . -2.97 -5.62 8.75
C5 BGC E . -2.38 -4.71 9.83
C6 BGC E . -0.98 -5.15 10.20
C1 BGC E . -3.58 -2.82 9.05
O1 BGC E . -3.38 -1.46 8.59
O2 BGC E . -5.56 -3.12 7.71
O3 BGC E . -4.96 -5.90 7.37
O4 BGC E . -3.09 -6.94 9.27
O5 BGC E . -2.31 -3.37 9.36
O6 BGC E . -0.59 -4.41 11.36
C1 GLC F . -11.26 -8.01 0.75
C2 GLC F . -11.91 -8.77 -0.39
C3 GLC F . -13.16 -8.03 -0.82
C4 GLC F . -14.09 -7.87 0.38
C5 GLC F . -13.36 -7.19 1.54
C6 GLC F . -14.25 -7.15 2.78
O1 GLC F . -10.94 -6.69 0.30
O2 GLC F . -11.02 -8.85 -1.50
O3 GLC F . -13.84 -8.75 -1.86
O4 GLC F . -15.20 -7.05 0.00
O5 GLC F . -12.17 -7.92 1.85
O6 GLC F . -14.54 -8.49 3.24
#